data_8W9I
#
_entry.id   8W9I
#
_cell.length_a   74.584
_cell.length_b   102.622
_cell.length_c   194.084
_cell.angle_alpha   90.000
_cell.angle_beta   90.000
_cell.angle_gamma   90.000
#
_symmetry.space_group_name_H-M   'P 21 21 21'
#
loop_
_entity.id
_entity.type
_entity.pdbx_description
1 polymer 'Proline--tRNA ligase'
2 non-polymer (2~{S})-~{N}-[3-(4-azanylquinazolin-7-yl)phenyl]sulfonylpyrrolidine-2-carboxamide
3 non-polymer 'MAGNESIUM ION'
4 non-polymer 1,2-ETHANEDIOL
5 water water
#
_entity_poly.entity_id   1
_entity_poly.type   'polypeptide(L)'
_entity_poly.pdbx_seq_one_letter_code
;MGHHHHHHMRTSQYLLSTLKETPADAVVISHQLLLRAGMIRRLASGLYTWLPMGLRVLRKVETIVREEMNAAGALEVLMP
AVQPAELWQESGRWEQYGPELLRLKDRHEREFCVGPTHEEVITDLARNELNSYKQLPINFYQIQTKFRDEIRPRFGLMRG
REFIMKDAYSFHLSQDSLQQTYDGMYQAYSKIFSRLGLDFRPVQADNGSIGGSGSHEFHVLANSGEDDIVFSDSSDYAAN
IEKAEAVPRESARGSATEDMRLVDTPNTKTIAALVDGFQLPIEKTIKTLVVHGAEEGTLVALIVRGDHELNEIKAANQPL
VASPLVFASEAEIRAAIGAGPGSLGPVNLPIACIVDRSVALMSDFAAGANIEDKHYFGVNWERDLPLPEVADLRNVVEGD
PSPDGKGTLVIKRGIEVGHIFQLGTKYSEAMKLSVLSEQGKPVNLIMGCYGIGVSRVVAAAIEQNHDERGILWPSALAPF
QIALVPLKYETESVKQATDKLYAELTAAGFEVLLDDRDKKTSPGVKFADMELIGIPHRIVISDRGLSEGVLEYKGRRDSE
SQNLPIGELMSFITEKLSR
;
_entity_poly.pdbx_strand_id   A,B
#
loop_
_chem_comp.id
_chem_comp.type
_chem_comp.name
_chem_comp.formula
EDO non-polymer 1,2-ETHANEDIOL 'C2 H6 O2'
MG non-polymer 'MAGNESIUM ION' 'Mg 2'
W2H non-polymer (2~{S})-~{N}-[3-(4-azanylquinazolin-7-yl)phenyl]sulfonylpyrrolidine-2-carboxamide 'C19 H19 N5 O3 S'
#
# COMPACT_ATOMS: atom_id res chain seq x y z
N HIS A 7 -14.00 -4.19 -25.69
CA HIS A 7 -13.37 -3.74 -24.42
C HIS A 7 -13.10 -2.24 -24.48
N HIS A 8 -14.10 -1.45 -24.06
CA HIS A 8 -14.00 0.01 -24.04
C HIS A 8 -14.10 0.50 -22.60
N MET A 9 -13.47 1.65 -22.34
CA MET A 9 -13.62 2.32 -21.07
C MET A 9 -14.81 3.27 -21.15
N ARG A 10 -15.82 3.01 -20.34
CA ARG A 10 -17.16 3.55 -20.54
C ARG A 10 -17.56 4.40 -19.34
N THR A 11 -18.35 5.45 -19.60
CA THR A 11 -18.80 6.38 -18.57
C THR A 11 -19.75 5.69 -17.60
N SER A 12 -20.56 4.76 -18.11
CA SER A 12 -21.53 4.04 -17.29
C SER A 12 -20.83 3.28 -16.17
N GLN A 13 -19.55 2.95 -16.39
CA GLN A 13 -18.73 2.26 -15.41
C GLN A 13 -17.93 3.26 -14.57
N TYR A 14 -17.32 4.26 -15.24
CA TYR A 14 -16.30 5.09 -14.61
C TYR A 14 -16.92 6.20 -13.76
N LEU A 15 -18.05 6.77 -14.19
CA LEU A 15 -18.58 7.98 -13.57
C LEU A 15 -19.34 7.66 -12.28
N LEU A 16 -19.82 6.42 -12.14
CA LEU A 16 -20.52 5.99 -10.94
C LEU A 16 -21.71 6.92 -10.69
N SER A 17 -22.04 7.18 -9.42
CA SER A 17 -23.31 7.77 -9.05
C SER A 17 -23.40 9.23 -9.53
N THR A 18 -24.64 9.68 -9.71
CA THR A 18 -24.94 11.07 -10.04
C THR A 18 -24.97 11.90 -8.76
N LEU A 19 -25.47 11.32 -7.67
CA LEU A 19 -25.56 11.99 -6.38
C LEU A 19 -24.22 11.87 -5.65
N LYS A 20 -23.47 12.98 -5.57
CA LYS A 20 -22.13 12.97 -5.01
C LYS A 20 -22.20 13.39 -3.54
N GLU A 21 -21.19 12.94 -2.77
CA GLU A 21 -21.01 13.39 -1.40
C GLU A 21 -20.88 14.91 -1.42
N THR A 22 -21.61 15.58 -0.52
CA THR A 22 -21.52 17.03 -0.44
C THR A 22 -21.44 17.42 1.04
N PRO A 23 -20.34 17.06 1.73
CA PRO A 23 -20.21 17.31 3.17
C PRO A 23 -19.95 18.77 3.51
N ALA A 24 -20.21 19.13 4.76
CA ALA A 24 -20.08 20.50 5.23
C ALA A 24 -18.62 20.94 5.28
N ASP A 25 -17.72 19.98 5.53
CA ASP A 25 -16.30 20.27 5.71
C ASP A 25 -15.57 20.38 4.38
N ALA A 26 -16.27 20.09 3.25
CA ALA A 26 -15.70 20.28 1.93
C ALA A 26 -15.67 21.76 1.58
N VAL A 27 -14.59 22.44 1.99
CA VAL A 27 -14.52 23.89 1.93
C VAL A 27 -13.42 24.34 0.96
N VAL A 28 -12.52 23.43 0.57
CA VAL A 28 -11.50 23.73 -0.42
C VAL A 28 -11.90 23.09 -1.75
N ILE A 29 -11.41 23.67 -2.85
CA ILE A 29 -11.91 23.37 -4.18
C ILE A 29 -11.45 21.98 -4.63
N SER A 30 -10.23 21.59 -4.28
CA SER A 30 -9.71 20.28 -4.66
C SER A 30 -10.61 19.20 -4.07
N HIS A 31 -11.01 19.37 -2.80
CA HIS A 31 -11.83 18.41 -2.09
C HIS A 31 -13.20 18.28 -2.77
N GLN A 32 -13.79 19.42 -3.14
CA GLN A 32 -15.12 19.46 -3.75
C GLN A 32 -15.09 18.79 -5.13
N LEU A 33 -14.13 19.18 -5.98
CA LEU A 33 -14.09 18.73 -7.36
C LEU A 33 -13.71 17.26 -7.44
N LEU A 34 -12.79 16.81 -6.57
CA LEU A 34 -12.42 15.40 -6.49
C LEU A 34 -13.64 14.55 -6.13
N LEU A 35 -14.48 15.06 -5.22
CA LEU A 35 -15.73 14.39 -4.88
C LEU A 35 -16.68 14.42 -6.08
N ARG A 36 -16.90 15.61 -6.66
CA ARG A 36 -17.92 15.81 -7.69
C ARG A 36 -17.57 15.09 -8.98
N ALA A 37 -16.28 14.87 -9.25
CA ALA A 37 -15.86 14.23 -10.49
C ALA A 37 -15.59 12.74 -10.29
N GLY A 38 -16.06 12.19 -9.16
CA GLY A 38 -15.97 10.75 -8.89
C GLY A 38 -14.53 10.24 -8.88
N MET A 39 -13.64 10.92 -8.14
CA MET A 39 -12.23 10.56 -8.12
C MET A 39 -11.87 9.90 -6.79
N ILE A 40 -12.48 10.38 -5.69
CA ILE A 40 -12.28 9.81 -4.37
C ILE A 40 -13.64 9.63 -3.70
N ARG A 41 -13.69 8.69 -2.75
CA ARG A 41 -14.83 8.57 -1.84
C ARG A 41 -14.30 8.36 -0.42
N ARG A 42 -14.97 8.99 0.54
CA ARG A 42 -14.58 8.92 1.94
C ARG A 42 -15.08 7.62 2.56
N LEU A 43 -14.19 6.93 3.28
CA LEU A 43 -14.55 5.78 4.08
C LEU A 43 -14.77 6.19 5.54
N ALA A 44 -13.87 7.03 6.06
CA ALA A 44 -14.00 7.60 7.39
C ALA A 44 -13.11 8.85 7.47
N SER A 45 -13.05 9.47 8.65
CA SER A 45 -12.20 10.63 8.87
C SER A 45 -10.79 10.36 8.35
N GLY A 46 -10.41 11.08 7.29
CA GLY A 46 -9.05 11.07 6.79
C GLY A 46 -8.69 9.84 5.97
N LEU A 47 -9.70 9.04 5.58
CA LEU A 47 -9.48 7.80 4.85
C LEU A 47 -10.33 7.79 3.59
N TYR A 48 -9.68 7.74 2.43
CA TYR A 48 -10.36 7.90 1.16
C TYR A 48 -9.98 6.76 0.20
N THR A 49 -10.99 6.24 -0.50
CA THR A 49 -10.78 5.32 -1.60
C THR A 49 -10.50 6.11 -2.88
N TRP A 50 -9.48 5.68 -3.64
CA TRP A 50 -9.27 6.15 -4.99
C TRP A 50 -10.24 5.44 -5.93
N LEU A 51 -11.23 6.20 -6.43
CA LEU A 51 -12.16 5.68 -7.42
C LEU A 51 -11.45 5.56 -8.76
N PRO A 52 -11.98 4.75 -9.70
CA PRO A 52 -11.26 4.43 -10.95
C PRO A 52 -10.67 5.63 -11.68
N MET A 53 -11.47 6.69 -11.85
CA MET A 53 -10.99 7.92 -12.48
C MET A 53 -9.82 8.49 -11.70
N GLY A 54 -9.97 8.59 -10.38
CA GLY A 54 -8.98 9.22 -9.53
C GLY A 54 -7.66 8.43 -9.49
N LEU A 55 -7.76 7.10 -9.52
CA LEU A 55 -6.58 6.26 -9.46
C LEU A 55 -5.71 6.48 -10.69
N ARG A 56 -6.34 6.73 -11.85
CA ARG A 56 -5.62 6.99 -13.07
C ARG A 56 -4.70 8.20 -12.92
N VAL A 57 -5.14 9.20 -12.16
CA VAL A 57 -4.35 10.42 -11.98
C VAL A 57 -3.19 10.14 -11.02
N LEU A 58 -3.48 9.39 -9.95
CA LEU A 58 -2.47 9.05 -8.95
C LEU A 58 -1.29 8.34 -9.62
N ARG A 59 -1.58 7.37 -10.49
CA ARG A 59 -0.56 6.52 -11.11
C ARG A 59 0.37 7.33 -12.02
N LYS A 60 -0.17 8.37 -12.65
CA LYS A 60 0.61 9.23 -13.53
C LYS A 60 1.62 10.04 -12.72
N VAL A 61 1.22 10.49 -11.51
CA VAL A 61 2.11 11.20 -10.62
C VAL A 61 3.23 10.26 -10.18
N GLU A 62 2.83 9.07 -9.70
CA GLU A 62 3.76 8.07 -9.21
C GLU A 62 4.79 7.71 -10.28
N THR A 63 4.34 7.55 -11.52
CA THR A 63 5.20 7.14 -12.62
C THR A 63 6.30 8.19 -12.84
N ILE A 64 5.89 9.46 -12.98
CA ILE A 64 6.82 10.55 -13.21
C ILE A 64 7.77 10.69 -12.02
N VAL A 65 7.24 10.56 -10.81
CA VAL A 65 8.06 10.59 -9.60
C VAL A 65 9.11 9.49 -9.68
N ARG A 66 8.68 8.29 -10.11
CA ARG A 66 9.53 7.11 -10.18
C ARG A 66 10.61 7.27 -11.25
N GLU A 67 10.25 7.85 -12.40
CA GLU A 67 11.20 8.03 -13.49
C GLU A 67 12.35 8.92 -13.04
N GLU A 68 12.06 9.98 -12.28
CA GLU A 68 13.05 10.98 -11.91
C GLU A 68 13.90 10.51 -10.73
N MET A 69 13.30 9.73 -9.81
CA MET A 69 14.06 9.13 -8.73
C MET A 69 15.10 8.18 -9.29
N ASN A 70 14.70 7.39 -10.29
CA ASN A 70 15.57 6.41 -10.93
C ASN A 70 16.66 7.12 -11.73
N ALA A 71 16.30 8.21 -12.41
CA ALA A 71 17.26 8.98 -13.20
C ALA A 71 18.33 9.63 -12.30
N ALA A 72 17.97 9.90 -11.03
CA ALA A 72 18.89 10.45 -10.05
C ALA A 72 19.64 9.33 -9.31
N GLY A 73 19.44 8.08 -9.74
CA GLY A 73 20.25 6.96 -9.28
C GLY A 73 19.82 6.42 -7.92
N ALA A 74 18.56 6.68 -7.52
CA ALA A 74 18.01 6.11 -6.30
C ALA A 74 17.46 4.72 -6.60
N LEU A 75 17.51 3.84 -5.58
CA LEU A 75 17.10 2.45 -5.70
C LEU A 75 15.75 2.24 -5.03
N GLU A 76 14.76 1.76 -5.78
CA GLU A 76 13.42 1.61 -5.25
C GLU A 76 13.33 0.34 -4.41
N VAL A 77 12.77 0.48 -3.21
CA VAL A 77 12.46 -0.62 -2.32
C VAL A 77 10.98 -0.52 -1.97
N LEU A 78 10.49 -1.44 -1.12
CA LEU A 78 9.15 -1.35 -0.56
C LEU A 78 9.15 -1.97 0.83
N MET A 79 8.99 -1.10 1.84
CA MET A 79 9.15 -1.46 3.25
C MET A 79 7.77 -1.65 3.88
N PRO A 80 7.65 -2.43 4.98
CA PRO A 80 6.34 -2.66 5.61
C PRO A 80 5.73 -1.41 6.22
N ALA A 81 4.39 -1.42 6.36
CA ALA A 81 3.65 -0.39 7.06
C ALA A 81 3.75 -0.64 8.56
N VAL A 82 3.47 -1.88 8.98
CA VAL A 82 3.51 -2.26 10.39
C VAL A 82 4.97 -2.47 10.81
N GLN A 83 5.40 -1.73 11.84
CA GLN A 83 6.79 -1.69 12.26
C GLN A 83 6.90 -1.93 13.76
N PRO A 84 7.87 -2.74 14.23
CA PRO A 84 8.01 -3.04 15.66
C PRO A 84 8.43 -1.83 16.47
N ALA A 85 7.84 -1.70 17.67
CA ALA A 85 8.09 -0.57 18.56
C ALA A 85 9.56 -0.48 18.95
N GLU A 86 10.24 -1.64 19.03
CA GLU A 86 11.61 -1.70 19.52
C GLU A 86 12.52 -0.80 18.68
N LEU A 87 12.29 -0.72 17.36
CA LEU A 87 13.06 0.13 16.48
C LEU A 87 12.81 1.60 16.80
N TRP A 88 11.56 1.93 17.15
CA TRP A 88 11.17 3.29 17.44
C TRP A 88 11.67 3.72 18.82
N GLN A 89 11.98 2.73 19.67
CA GLN A 89 12.55 2.98 20.99
C GLN A 89 14.04 3.25 20.86
N GLU A 90 14.69 2.62 19.87
CA GLU A 90 16.11 2.87 19.61
C GLU A 90 16.35 4.33 19.21
N SER A 91 15.44 4.88 18.40
CA SER A 91 15.57 6.25 17.91
C SER A 91 15.03 7.24 18.95
N GLY A 92 14.17 6.76 19.84
CA GLY A 92 13.53 7.60 20.85
C GLY A 92 12.15 8.10 20.41
N ARG A 93 11.78 7.84 19.15
CA ARG A 93 10.60 8.46 18.57
C ARG A 93 9.32 7.73 18.98
N TRP A 94 9.45 6.50 19.49
CA TRP A 94 8.31 5.78 20.01
C TRP A 94 7.55 6.67 21.00
N GLU A 95 8.32 7.37 21.85
CA GLU A 95 7.77 8.27 22.86
C GLU A 95 7.66 9.69 22.31
N GLN A 96 8.65 10.14 21.53
CA GLN A 96 8.80 11.55 21.21
C GLN A 96 7.92 11.97 20.02
N TYR A 97 7.47 11.02 19.21
CA TYR A 97 6.81 11.37 17.94
C TYR A 97 5.50 12.11 18.22
N GLY A 98 4.80 11.75 19.29
CA GLY A 98 3.56 12.40 19.66
C GLY A 98 2.34 11.60 19.21
N PRO A 99 1.10 12.13 19.40
CA PRO A 99 -0.11 11.36 19.16
C PRO A 99 -0.52 11.12 17.70
N GLU A 100 0.33 11.52 16.73
CA GLU A 100 0.07 11.21 15.33
C GLU A 100 0.58 9.81 15.01
N LEU A 101 1.39 9.21 15.90
CA LEU A 101 1.82 7.84 15.73
C LEU A 101 0.69 6.90 16.13
N LEU A 102 0.21 6.10 15.17
CA LEU A 102 -0.82 5.11 15.44
C LEU A 102 -0.16 3.84 15.95
N ARG A 103 -0.33 3.56 17.24
CA ARG A 103 0.27 2.41 17.90
C ARG A 103 -0.77 1.30 17.99
N LEU A 104 -0.29 0.06 18.15
CA LEU A 104 -1.17 -1.10 18.27
C LEU A 104 -0.42 -2.28 18.87
N LYS A 105 -1.19 -3.32 19.19
CA LYS A 105 -0.68 -4.59 19.68
C LYS A 105 -1.21 -5.71 18.80
N ASP A 106 -0.34 -6.69 18.52
CA ASP A 106 -0.76 -7.91 17.83
C ASP A 106 -1.31 -8.89 18.87
N ARG A 107 -1.66 -10.09 18.41
CA ARG A 107 -2.29 -11.12 19.23
C ARG A 107 -1.35 -11.68 20.29
N HIS A 108 -0.04 -11.40 20.18
CA HIS A 108 0.94 -11.89 21.14
C HIS A 108 1.33 -10.80 22.15
N GLU A 109 0.60 -9.67 22.13
CA GLU A 109 0.84 -8.53 23.01
C GLU A 109 2.08 -7.75 22.60
N ARG A 110 2.65 -8.02 21.42
CA ARG A 110 3.81 -7.29 20.95
C ARG A 110 3.36 -5.94 20.40
N GLU A 111 4.25 -4.94 20.46
CA GLU A 111 3.89 -3.56 20.18
C GLU A 111 4.42 -3.14 18.82
N PHE A 112 3.57 -2.41 18.07
CA PHE A 112 3.91 -1.90 16.76
C PHE A 112 3.29 -0.53 16.55
N CYS A 113 3.74 0.15 15.49
CA CYS A 113 3.05 1.29 14.94
C CYS A 113 2.79 1.03 13.47
N VAL A 114 1.86 1.80 12.88
CA VAL A 114 1.75 1.94 11.45
C VAL A 114 2.64 3.12 11.05
N GLY A 115 3.51 2.90 10.05
CA GLY A 115 4.58 3.84 9.75
C GLY A 115 4.07 5.19 9.27
N PRO A 116 4.41 6.31 9.96
CA PRO A 116 4.21 7.65 9.41
C PRO A 116 5.35 8.06 8.48
N THR A 117 6.48 7.35 8.62
CA THR A 117 7.72 7.57 7.91
C THR A 117 8.65 6.42 8.30
N HIS A 118 9.78 6.26 7.62
CA HIS A 118 10.50 5.00 7.68
C HIS A 118 11.99 5.18 7.98
N GLU A 119 12.36 6.20 8.78
CA GLU A 119 13.76 6.44 9.08
C GLU A 119 14.38 5.24 9.81
N GLU A 120 13.65 4.70 10.81
CA GLU A 120 14.18 3.63 11.65
C GLU A 120 14.31 2.35 10.86
N VAL A 121 13.32 2.05 10.00
CA VAL A 121 13.31 0.81 9.23
C VAL A 121 14.47 0.81 8.23
N ILE A 122 14.68 1.95 7.54
CA ILE A 122 15.69 2.03 6.50
C ILE A 122 17.09 2.03 7.11
N THR A 123 17.21 2.57 8.33
CA THR A 123 18.47 2.57 9.06
C THR A 123 18.81 1.15 9.52
N ASP A 124 17.78 0.43 10.00
CA ASP A 124 17.92 -0.96 10.42
C ASP A 124 18.33 -1.82 9.22
N LEU A 125 17.82 -1.48 8.03
CA LEU A 125 18.18 -2.18 6.81
C LEU A 125 19.64 -1.90 6.47
N ALA A 126 20.05 -0.62 6.63
CA ALA A 126 21.39 -0.19 6.24
C ALA A 126 22.46 -0.87 7.09
N ARG A 127 22.20 -1.07 8.39
CA ARG A 127 23.19 -1.62 9.29
C ARG A 127 23.33 -3.13 9.09
N ASN A 128 22.51 -3.70 8.20
CA ASN A 128 22.59 -5.11 7.83
C ASN A 128 23.09 -5.28 6.40
N GLU A 129 22.85 -4.27 5.54
CA GLU A 129 23.12 -4.42 4.11
C GLU A 129 24.36 -3.62 3.69
N LEU A 130 24.65 -2.51 4.38
CA LEU A 130 25.81 -1.68 4.07
C LEU A 130 26.97 -2.11 4.96
N ASN A 131 27.93 -2.84 4.36
CA ASN A 131 29.05 -3.40 5.09
C ASN A 131 30.37 -3.03 4.41
N SER A 132 30.33 -2.05 3.49
CA SER A 132 31.51 -1.69 2.71
C SER A 132 31.37 -0.27 2.16
N TYR A 133 32.49 0.47 2.19
CA TYR A 133 32.54 1.86 1.75
C TYR A 133 32.35 1.95 0.23
N LYS A 134 32.60 0.85 -0.47
CA LYS A 134 32.45 0.79 -1.91
C LYS A 134 30.97 0.85 -2.32
N GLN A 135 30.07 0.62 -1.35
CA GLN A 135 28.63 0.63 -1.62
C GLN A 135 28.07 2.04 -1.54
N LEU A 136 28.81 2.94 -0.88
CA LEU A 136 28.35 4.30 -0.64
C LEU A 136 28.94 5.21 -1.71
N PRO A 137 28.26 6.32 -2.10
CA PRO A 137 26.91 6.65 -1.63
C PRO A 137 25.79 5.83 -2.25
N ILE A 138 24.70 5.69 -1.50
CA ILE A 138 23.54 4.91 -1.94
C ILE A 138 22.27 5.64 -1.48
N ASN A 139 21.25 5.64 -2.35
CA ASN A 139 19.99 6.31 -2.06
C ASN A 139 18.86 5.30 -2.30
N PHE A 140 18.08 5.03 -1.25
CA PHE A 140 16.92 4.16 -1.32
C PHE A 140 15.65 4.99 -1.24
N TYR A 141 14.60 4.57 -1.97
CA TYR A 141 13.30 5.23 -1.87
C TYR A 141 12.17 4.22 -2.06
N GLN A 142 10.97 4.62 -1.63
CA GLN A 142 9.76 3.86 -1.88
C GLN A 142 8.61 4.82 -2.17
N ILE A 143 7.55 4.28 -2.81
CA ILE A 143 6.26 4.92 -2.92
C ILE A 143 5.27 4.03 -2.18
N GLN A 144 4.80 4.49 -1.01
CA GLN A 144 4.21 3.60 -0.02
C GLN A 144 3.27 4.38 0.88
N THR A 145 2.24 3.69 1.38
CA THR A 145 1.14 4.30 2.11
C THR A 145 1.54 4.52 3.57
N LYS A 146 1.48 5.78 4.01
CA LYS A 146 1.78 6.14 5.38
C LYS A 146 0.48 6.32 6.14
N PHE A 147 0.59 6.39 7.48
CA PHE A 147 -0.53 6.80 8.32
C PHE A 147 -0.03 7.81 9.36
N ARG A 148 -0.78 8.91 9.51
CA ARG A 148 -0.55 9.86 10.58
C ARG A 148 -1.90 10.26 11.15
N ASP A 149 -2.04 10.17 12.48
CA ASP A 149 -3.33 10.38 13.13
C ASP A 149 -3.55 11.88 13.32
N GLU A 150 -3.58 12.59 12.18
CA GLU A 150 -3.94 13.99 12.10
C GLU A 150 -5.16 14.25 13.00
N ILE A 151 -5.04 15.19 13.94
CA ILE A 151 -6.01 15.36 15.01
C ILE A 151 -7.38 15.74 14.44
N ARG A 152 -7.40 16.61 13.42
CA ARG A 152 -8.62 16.98 12.71
C ARG A 152 -8.39 16.82 11.21
N PRO A 153 -8.56 15.61 10.64
CA PRO A 153 -8.45 15.40 9.20
C PRO A 153 -9.40 16.29 8.40
N ARG A 154 -8.87 17.01 7.41
CA ARG A 154 -9.66 17.96 6.65
C ARG A 154 -8.98 18.26 5.31
N PHE A 155 -9.68 19.03 4.47
CA PHE A 155 -9.20 19.47 3.17
C PHE A 155 -8.99 18.27 2.23
N GLY A 156 -9.81 17.22 2.41
CA GLY A 156 -9.74 16.04 1.57
C GLY A 156 -8.39 15.34 1.66
N LEU A 157 -7.66 15.30 0.53
CA LEU A 157 -6.39 14.60 0.45
C LEU A 157 -5.28 15.36 1.17
N MET A 158 -5.46 16.66 1.40
CA MET A 158 -4.37 17.52 1.86
C MET A 158 -3.96 17.20 3.29
N ARG A 159 -4.93 17.01 4.19
CA ARG A 159 -4.65 16.64 5.57
C ARG A 159 -5.41 15.35 5.89
N GLY A 160 -5.08 14.28 5.16
CA GLY A 160 -5.65 12.98 5.44
C GLY A 160 -4.92 12.30 6.60
N ARG A 161 -5.27 11.03 6.84
CA ARG A 161 -4.59 10.22 7.84
C ARG A 161 -3.82 9.12 7.12
N GLU A 162 -4.48 8.45 6.17
CA GLU A 162 -3.80 7.52 5.28
C GLU A 162 -3.54 8.22 3.96
N PHE A 163 -2.27 8.24 3.54
CA PHE A 163 -1.86 9.00 2.36
C PHE A 163 -0.58 8.40 1.78
N ILE A 164 -0.34 8.68 0.50
CA ILE A 164 0.80 8.11 -0.20
C ILE A 164 1.95 9.13 -0.17
N MET A 165 3.11 8.66 0.27
CA MET A 165 4.33 9.44 0.24
C MET A 165 5.37 8.67 -0.56
N LYS A 166 6.11 9.40 -1.39
CA LYS A 166 7.40 8.92 -1.87
C LYS A 166 8.45 9.40 -0.86
N ASP A 167 9.10 8.46 -0.18
CA ASP A 167 10.11 8.77 0.83
C ASP A 167 11.42 8.12 0.44
N ALA A 168 12.48 8.95 0.37
CA ALA A 168 13.81 8.50 -0.02
C ALA A 168 14.80 8.81 1.11
N TYR A 169 15.87 8.00 1.16
CA TYR A 169 16.86 8.08 2.23
C TYR A 169 18.24 7.76 1.64
N SER A 170 19.21 8.66 1.87
CA SER A 170 20.55 8.51 1.32
C SER A 170 21.58 8.36 2.44
N PHE A 171 22.71 7.73 2.10
CA PHE A 171 23.75 7.34 3.06
C PHE A 171 25.13 7.71 2.50
N HIS A 172 26.00 8.23 3.38
CA HIS A 172 27.20 8.93 2.95
C HIS A 172 28.32 8.80 3.99
N LEU A 173 29.56 8.81 3.51
CA LEU A 173 30.74 8.80 4.37
C LEU A 173 31.18 10.22 4.71
N SER A 174 30.65 11.23 3.99
CA SER A 174 31.06 12.61 4.19
C SER A 174 29.91 13.56 3.88
N GLN A 175 30.01 14.76 4.45
CA GLN A 175 29.05 15.84 4.26
C GLN A 175 29.06 16.29 2.79
N ASP A 176 30.25 16.29 2.17
CA ASP A 176 30.37 16.70 0.78
C ASP A 176 29.64 15.71 -0.13
N SER A 177 29.71 14.41 0.23
CA SER A 177 28.98 13.37 -0.49
C SER A 177 27.48 13.60 -0.35
N LEU A 178 27.02 13.88 0.87
CA LEU A 178 25.60 14.11 1.13
C LEU A 178 25.10 15.27 0.28
N GLN A 179 25.89 16.34 0.22
CA GLN A 179 25.50 17.58 -0.46
C GLN A 179 25.23 17.29 -1.92
N GLN A 180 26.11 16.49 -2.55
CA GLN A 180 26.00 16.13 -3.96
C GLN A 180 24.65 15.44 -4.22
N THR A 181 24.32 14.44 -3.39
CA THR A 181 23.06 13.71 -3.51
C THR A 181 21.88 14.63 -3.24
N TYR A 182 21.98 15.42 -2.16
CA TYR A 182 20.92 16.35 -1.76
C TYR A 182 20.63 17.34 -2.87
N ASP A 183 21.68 17.82 -3.56
CA ASP A 183 21.53 18.72 -4.69
C ASP A 183 20.90 17.98 -5.87
N GLY A 184 21.24 16.69 -6.02
CA GLY A 184 20.65 15.84 -7.04
C GLY A 184 19.14 15.65 -6.84
N MET A 185 18.73 15.46 -5.58
CA MET A 185 17.33 15.26 -5.26
C MET A 185 16.55 16.56 -5.47
N TYR A 186 17.18 17.69 -5.09
CA TYR A 186 16.63 19.01 -5.31
C TYR A 186 16.39 19.22 -6.80
N GLN A 187 17.41 18.91 -7.62
CA GLN A 187 17.29 18.99 -9.07
C GLN A 187 16.20 18.02 -9.57
N ALA A 188 16.16 16.81 -9.01
CA ALA A 188 15.19 15.80 -9.43
C ALA A 188 13.76 16.22 -9.09
N TYR A 189 13.57 16.85 -7.92
CA TYR A 189 12.26 17.33 -7.50
C TYR A 189 11.77 18.40 -8.47
N SER A 190 12.68 19.26 -8.94
CA SER A 190 12.33 20.35 -9.85
C SER A 190 11.80 19.80 -11.16
N LYS A 191 12.42 18.73 -11.67
CA LYS A 191 12.00 18.10 -12.90
C LYS A 191 10.61 17.48 -12.73
N ILE A 192 10.38 16.84 -11.58
CA ILE A 192 9.11 16.19 -11.30
C ILE A 192 7.98 17.21 -11.42
N PHE A 193 8.09 18.33 -10.70
CA PHE A 193 7.00 19.29 -10.61
C PHE A 193 6.89 20.09 -11.90
N SER A 194 8.01 20.27 -12.62
CA SER A 194 8.00 20.84 -13.95
C SER A 194 7.20 19.93 -14.90
N ARG A 195 7.52 18.63 -14.85
CA ARG A 195 6.88 17.63 -15.69
C ARG A 195 5.41 17.47 -15.33
N LEU A 196 5.06 17.67 -14.05
CA LEU A 196 3.67 17.60 -13.59
C LEU A 196 2.90 18.86 -14.01
N GLY A 197 3.60 19.84 -14.59
CA GLY A 197 2.97 21.02 -15.15
C GLY A 197 2.46 21.98 -14.09
N LEU A 198 3.12 21.98 -12.92
CA LEU A 198 2.74 22.84 -11.81
C LEU A 198 3.62 24.09 -11.81
N ASP A 199 3.05 25.20 -11.37
CA ASP A 199 3.82 26.38 -11.00
C ASP A 199 4.24 26.22 -9.55
N PHE A 200 5.54 25.99 -9.33
CA PHE A 200 6.08 25.64 -8.03
C PHE A 200 7.34 26.45 -7.75
N ARG A 201 7.74 26.50 -6.47
CA ARG A 201 8.98 27.13 -6.07
C ARG A 201 9.63 26.32 -4.96
N PRO A 202 10.96 26.05 -5.05
CA PRO A 202 11.71 25.56 -3.90
C PRO A 202 12.03 26.73 -2.98
N VAL A 203 11.97 26.50 -1.67
CA VAL A 203 12.26 27.54 -0.68
C VAL A 203 13.12 26.94 0.42
N GLN A 204 13.93 27.79 1.06
CA GLN A 204 14.65 27.40 2.26
C GLN A 204 13.64 27.14 3.38
N ALA A 205 13.93 26.14 4.21
CA ALA A 205 13.01 25.69 5.23
C ALA A 205 13.73 25.39 6.53
N ASP A 206 12.94 25.34 7.62
CA ASP A 206 13.36 24.78 8.90
C ASP A 206 13.22 23.26 8.81
N ASN A 207 14.08 22.54 9.55
CA ASN A 207 14.09 21.09 9.53
C ASN A 207 12.95 20.52 10.38
N GLY A 208 12.40 21.33 11.29
CA GLY A 208 11.26 20.93 12.09
C GLY A 208 11.57 19.70 12.96
N SER A 209 10.57 18.83 13.14
CA SER A 209 10.67 17.69 14.04
C SER A 209 11.47 16.55 13.40
N ILE A 210 11.53 16.51 12.07
CA ILE A 210 12.34 15.52 11.36
C ILE A 210 13.81 15.71 11.74
N GLY A 211 14.22 16.98 11.88
CA GLY A 211 15.47 17.31 12.55
C GLY A 211 16.63 17.49 11.58
N GLY A 212 17.82 17.76 12.17
CA GLY A 212 19.03 18.02 11.41
C GLY A 212 19.26 19.51 11.17
N SER A 213 20.07 19.83 10.16
CA SER A 213 20.42 21.20 9.81
C SER A 213 20.57 21.34 8.29
N GLY A 214 19.66 22.11 7.68
CA GLY A 214 19.61 22.27 6.23
C GLY A 214 18.42 21.52 5.63
N SER A 215 17.44 22.26 5.13
CA SER A 215 16.29 21.67 4.49
C SER A 215 15.67 22.65 3.49
N HIS A 216 14.97 22.08 2.50
CA HIS A 216 14.21 22.87 1.54
C HIS A 216 12.82 22.26 1.39
N GLU A 217 11.84 23.12 1.07
CA GLU A 217 10.49 22.69 0.75
C GLU A 217 10.19 23.06 -0.70
N PHE A 218 9.30 22.28 -1.32
CA PHE A 218 8.75 22.61 -2.61
C PHE A 218 7.26 22.91 -2.44
N HIS A 219 6.83 24.07 -2.95
CA HIS A 219 5.47 24.55 -2.77
C HIS A 219 4.81 24.76 -4.13
N VAL A 220 3.52 24.39 -4.20
CA VAL A 220 2.67 24.77 -5.32
C VAL A 220 2.01 26.10 -4.96
N LEU A 221 2.13 27.09 -5.85
CA LEU A 221 1.60 28.43 -5.60
C LEU A 221 0.09 28.44 -5.75
N ALA A 222 -0.61 28.64 -4.63
CA ALA A 222 -2.07 28.62 -4.61
C ALA A 222 -2.60 29.51 -3.48
N ASN A 223 -3.75 30.13 -3.72
CA ASN A 223 -4.36 31.07 -2.78
C ASN A 223 -4.78 30.36 -1.49
N SER A 224 -5.03 29.05 -1.56
CA SER A 224 -5.47 28.29 -0.41
C SER A 224 -4.31 27.64 0.34
N GLY A 225 -3.08 28.07 0.04
CA GLY A 225 -1.89 27.52 0.68
C GLY A 225 -1.82 27.88 2.16
N GLU A 226 -1.49 26.87 2.99
CA GLU A 226 -1.45 27.04 4.43
C GLU A 226 -0.12 27.64 4.88
N ASP A 227 0.92 27.50 4.05
CA ASP A 227 2.22 28.05 4.37
C ASP A 227 2.34 29.45 3.77
N ASP A 228 3.08 30.32 4.48
CA ASP A 228 3.49 31.61 3.95
C ASP A 228 4.93 31.48 3.47
N ILE A 229 5.14 31.77 2.18
CA ILE A 229 6.44 31.66 1.54
C ILE A 229 6.87 33.03 1.06
N VAL A 230 8.17 33.32 1.24
CA VAL A 230 8.70 34.66 1.15
C VAL A 230 9.71 34.70 0.01
N PHE A 231 9.54 35.69 -0.89
CA PHE A 231 10.43 35.86 -2.03
C PHE A 231 10.91 37.31 -2.10
N SER A 232 12.14 37.49 -2.58
CA SER A 232 12.62 38.81 -2.98
C SER A 232 11.96 39.19 -4.30
N ASP A 233 11.90 40.50 -4.58
CA ASP A 233 11.35 40.99 -5.83
C ASP A 233 12.50 41.22 -6.83
N SER A 234 13.75 41.01 -6.39
CA SER A 234 14.91 41.34 -7.19
C SER A 234 16.00 40.25 -7.16
N SER A 235 15.77 39.15 -6.44
CA SER A 235 16.75 38.08 -6.37
C SER A 235 16.04 36.72 -6.35
N ASP A 236 16.85 35.64 -6.26
CA ASP A 236 16.34 34.28 -6.20
C ASP A 236 16.05 33.86 -4.75
N TYR A 237 16.15 34.81 -3.80
CA TYR A 237 15.93 34.52 -2.39
C TYR A 237 14.52 33.99 -2.20
N ALA A 238 14.42 32.85 -1.50
CA ALA A 238 13.14 32.19 -1.24
C ALA A 238 13.23 31.39 0.05
N ALA A 239 12.22 31.53 0.91
CA ALA A 239 12.21 30.86 2.20
C ALA A 239 10.79 30.80 2.75
N ASN A 240 10.48 29.70 3.45
CA ASN A 240 9.32 29.63 4.30
C ASN A 240 9.43 30.74 5.35
N ILE A 241 8.30 31.34 5.73
CA ILE A 241 8.30 32.41 6.72
C ILE A 241 8.84 31.92 8.07
N GLU A 242 8.80 30.60 8.30
CA GLU A 242 9.41 30.00 9.49
C GLU A 242 10.92 30.28 9.51
N LYS A 243 11.55 30.20 8.33
CA LYS A 243 13.00 30.23 8.20
C LYS A 243 13.50 31.63 7.83
N ALA A 244 12.67 32.40 7.13
CA ALA A 244 13.09 33.66 6.50
C ALA A 244 13.65 34.62 7.55
N GLU A 245 14.92 35.00 7.35
CA GLU A 245 15.60 35.95 8.22
C GLU A 245 14.96 37.33 8.07
N ALA A 246 14.75 38.00 9.21
CA ALA A 246 14.22 39.35 9.24
C ALA A 246 15.32 40.33 9.59
N VAL A 247 15.39 41.43 8.82
CA VAL A 247 16.29 42.53 9.10
C VAL A 247 15.46 43.81 9.18
N PRO A 248 15.88 44.82 9.97
CA PRO A 248 15.10 46.04 10.13
C PRO A 248 15.02 46.88 8.86
N ARG A 249 13.89 47.59 8.69
CA ARG A 249 13.76 48.59 7.64
C ARG A 249 14.57 49.83 8.02
N GLU A 250 14.61 50.10 9.34
CA GLU A 250 15.33 51.23 9.90
C GLU A 250 16.82 50.93 9.80
N SER A 251 17.63 51.96 9.52
CA SER A 251 19.06 51.80 9.33
C SER A 251 19.82 52.06 10.64
N ALA A 252 19.25 52.91 11.51
CA ALA A 252 19.89 53.24 12.77
C ALA A 252 18.83 53.62 13.80
N ARG A 253 19.28 53.78 15.06
CA ARG A 253 18.41 54.18 16.15
C ARG A 253 18.22 55.69 16.11
N GLY A 254 16.96 56.13 16.10
CA GLY A 254 16.62 57.54 16.14
C GLY A 254 16.96 58.17 17.49
N SER A 255 17.21 59.49 17.47
CA SER A 255 17.54 60.24 18.66
C SER A 255 16.36 60.25 19.63
N ALA A 256 16.68 60.31 20.93
CA ALA A 256 15.67 60.43 21.98
C ALA A 256 15.09 61.85 21.96
N THR A 257 13.77 61.95 21.82
CA THR A 257 13.07 63.22 21.80
C THR A 257 12.19 63.41 23.04
N GLU A 258 11.85 62.31 23.73
CA GLU A 258 10.95 62.35 24.88
C GLU A 258 11.66 61.83 26.11
N ASP A 259 11.33 62.41 27.28
CA ASP A 259 11.76 61.89 28.57
C ASP A 259 10.83 60.74 28.97
N MET A 260 11.39 59.75 29.67
CA MET A 260 10.61 58.59 30.10
C MET A 260 9.71 59.01 31.27
N ARG A 261 8.48 58.51 31.28
CA ARG A 261 7.53 58.81 32.34
C ARG A 261 6.62 57.61 32.57
N LEU A 262 6.14 57.48 33.82
CA LEU A 262 5.22 56.43 34.22
C LEU A 262 3.80 56.91 33.98
N VAL A 263 2.96 56.03 33.43
CA VAL A 263 1.59 56.39 33.07
C VAL A 263 0.64 55.29 33.55
N ASP A 264 -0.52 55.72 34.08
CA ASP A 264 -1.56 54.79 34.50
C ASP A 264 -2.30 54.30 33.26
N THR A 265 -2.42 52.96 33.12
CA THR A 265 -3.04 52.35 31.97
C THR A 265 -3.96 51.21 32.39
N PRO A 266 -5.01 51.46 33.21
CA PRO A 266 -5.97 50.42 33.56
C PRO A 266 -6.74 49.90 32.35
N ASN A 267 -7.11 48.61 32.40
CA ASN A 267 -7.84 47.93 31.35
C ASN A 267 -7.12 48.10 30.01
N THR A 268 -5.79 47.99 30.06
CA THR A 268 -4.95 48.06 28.87
C THR A 268 -4.05 46.83 28.86
N LYS A 269 -4.51 45.77 28.18
CA LYS A 269 -3.80 44.50 28.15
C LYS A 269 -3.58 44.02 26.71
N THR A 270 -3.79 44.91 25.72
CA THR A 270 -3.49 44.60 24.34
C THR A 270 -2.84 45.82 23.69
N ILE A 271 -2.06 45.57 22.64
CA ILE A 271 -1.47 46.62 21.82
C ILE A 271 -2.58 47.54 21.31
N ALA A 272 -3.61 46.94 20.71
CA ALA A 272 -4.74 47.68 20.18
C ALA A 272 -5.31 48.65 21.23
N ALA A 273 -5.47 48.16 22.47
CA ALA A 273 -6.02 48.96 23.55
C ALA A 273 -5.08 50.12 23.89
N LEU A 274 -3.77 49.86 23.84
CA LEU A 274 -2.78 50.90 24.11
C LEU A 274 -2.84 51.96 23.01
N VAL A 275 -2.83 51.51 21.75
CA VAL A 275 -2.84 52.38 20.58
C VAL A 275 -4.08 53.28 20.60
N ASP A 276 -5.25 52.66 20.72
CA ASP A 276 -6.52 53.38 20.70
C ASP A 276 -6.65 54.26 21.94
N GLY A 277 -6.11 53.79 23.07
CA GLY A 277 -6.24 54.48 24.34
C GLY A 277 -5.46 55.79 24.40
N PHE A 278 -4.30 55.83 23.73
CA PHE A 278 -3.32 56.90 23.93
C PHE A 278 -2.85 57.49 22.61
N GLN A 279 -3.53 57.16 21.50
CA GLN A 279 -3.16 57.63 20.18
C GLN A 279 -1.65 57.50 19.97
N LEU A 280 -1.14 56.28 20.21
CA LEU A 280 0.25 55.94 19.91
C LEU A 280 0.31 55.28 18.54
N PRO A 281 1.37 55.52 17.73
CA PRO A 281 1.65 54.66 16.58
C PRO A 281 1.99 53.27 17.10
N ILE A 282 1.50 52.23 16.39
CA ILE A 282 1.75 50.86 16.78
C ILE A 282 3.25 50.55 16.69
N GLU A 283 3.97 51.31 15.84
CA GLU A 283 5.39 51.13 15.64
C GLU A 283 6.20 51.68 16.81
N LYS A 284 5.53 52.30 17.79
CA LYS A 284 6.19 52.81 18.98
C LYS A 284 5.81 51.96 20.21
N THR A 285 5.17 50.81 19.98
CA THR A 285 4.82 49.89 21.05
C THR A 285 5.61 48.59 20.89
N ILE A 286 5.73 47.84 21.99
CA ILE A 286 6.38 46.54 21.98
C ILE A 286 5.50 45.54 22.74
N LYS A 287 5.54 44.27 22.31
CA LYS A 287 4.95 43.18 23.07
C LYS A 287 6.07 42.42 23.77
N THR A 288 5.85 42.10 25.05
CA THR A 288 6.76 41.26 25.81
C THR A 288 6.11 39.88 26.00
N LEU A 289 6.73 38.84 25.43
CA LEU A 289 6.28 37.47 25.63
C LEU A 289 7.25 36.76 26.57
N VAL A 290 6.71 36.14 27.63
CA VAL A 290 7.52 35.43 28.61
C VAL A 290 7.43 33.93 28.32
N VAL A 291 8.59 33.29 28.18
CA VAL A 291 8.68 31.88 27.85
C VAL A 291 9.63 31.21 28.85
N HIS A 292 9.63 29.87 28.85
CA HIS A 292 10.50 29.11 29.72
C HIS A 292 11.93 29.14 29.17
N GLY A 293 12.90 29.20 30.09
CA GLY A 293 14.31 29.19 29.72
C GLY A 293 14.85 27.76 29.66
N ALA A 294 16.02 27.62 29.04
CA ALA A 294 16.69 26.33 28.89
C ALA A 294 17.15 25.82 30.25
N GLU A 295 17.65 26.73 31.10
CA GLU A 295 17.91 26.44 32.50
C GLU A 295 16.57 26.19 33.19
N GLU A 296 16.43 25.02 33.82
CA GLU A 296 15.15 24.59 34.38
C GLU A 296 14.70 25.59 35.44
N GLY A 297 13.43 26.02 35.34
CA GLY A 297 12.81 26.87 36.32
C GLY A 297 12.99 28.37 36.04
N THR A 298 13.74 28.71 34.98
CA THR A 298 14.01 30.10 34.62
C THR A 298 13.04 30.59 33.55
N LEU A 299 12.89 31.91 33.46
CA LEU A 299 12.05 32.53 32.45
C LEU A 299 12.90 33.47 31.59
N VAL A 300 12.44 33.70 30.36
CA VAL A 300 13.04 34.66 29.44
C VAL A 300 11.93 35.48 28.81
N ALA A 301 12.13 36.80 28.74
CA ALA A 301 11.24 37.70 28.02
C ALA A 301 11.76 37.88 26.59
N LEU A 302 10.87 37.65 25.62
CA LEU A 302 11.15 37.93 24.22
C LEU A 302 10.31 39.14 23.80
N ILE A 303 10.95 40.13 23.16
CA ILE A 303 10.28 41.37 22.84
C ILE A 303 10.35 41.61 21.33
N VAL A 304 9.17 41.89 20.75
CA VAL A 304 9.04 42.28 19.36
C VAL A 304 8.23 43.57 19.31
N ARG A 305 8.26 44.25 18.16
CA ARG A 305 7.50 45.47 17.98
C ARG A 305 6.01 45.11 17.91
N GLY A 306 5.17 46.08 18.27
CA GLY A 306 3.74 45.86 18.48
C GLY A 306 2.98 45.41 17.24
N ASP A 307 3.51 45.72 16.05
CA ASP A 307 2.87 45.32 14.80
C ASP A 307 3.43 44.00 14.31
N HIS A 308 4.50 43.50 14.95
CA HIS A 308 5.20 42.30 14.52
C HIS A 308 4.69 41.08 15.29
N GLU A 309 5.00 39.88 14.75
CA GLU A 309 4.67 38.63 15.40
C GLU A 309 5.96 37.94 15.83
N LEU A 310 5.91 37.26 16.98
CA LEU A 310 7.01 36.39 17.40
C LEU A 310 7.04 35.16 16.51
N ASN A 311 8.24 34.83 16.02
CA ASN A 311 8.49 33.60 15.28
C ASN A 311 8.91 32.53 16.29
N GLU A 312 8.09 31.48 16.43
CA GLU A 312 8.24 30.55 17.53
C GLU A 312 9.41 29.60 17.28
N ILE A 313 9.75 29.39 16.01
CA ILE A 313 10.88 28.55 15.65
C ILE A 313 12.18 29.29 15.98
N LYS A 314 12.26 30.56 15.57
CA LYS A 314 13.39 31.41 15.90
C LYS A 314 13.56 31.50 17.42
N ALA A 315 12.43 31.63 18.14
CA ALA A 315 12.45 31.78 19.60
C ALA A 315 13.04 30.54 20.26
N ALA A 316 12.59 29.36 19.81
CA ALA A 316 13.02 28.10 20.40
C ALA A 316 14.50 27.84 20.10
N ASN A 317 15.01 28.40 19.00
CA ASN A 317 16.37 28.17 18.56
C ASN A 317 17.35 29.07 19.32
N GLN A 318 16.85 30.04 20.10
CA GLN A 318 17.71 30.82 20.97
C GLN A 318 18.26 29.92 22.07
N PRO A 319 19.59 29.90 22.30
CA PRO A 319 20.19 29.08 23.36
C PRO A 319 19.60 29.22 24.77
N LEU A 320 19.16 30.44 25.13
CA LEU A 320 18.59 30.70 26.45
C LEU A 320 17.17 30.14 26.57
N VAL A 321 16.48 29.99 25.43
CA VAL A 321 15.07 29.64 25.43
C VAL A 321 14.94 28.12 25.28
N ALA A 322 14.06 27.53 26.09
CA ALA A 322 13.81 26.09 26.06
C ALA A 322 13.19 25.70 24.72
N SER A 323 13.63 24.57 24.18
CA SER A 323 13.06 23.99 22.98
C SER A 323 12.57 22.57 23.29
N PRO A 324 11.28 22.24 23.03
CA PRO A 324 10.33 23.14 22.35
C PRO A 324 9.80 24.28 23.21
N LEU A 325 9.28 25.31 22.53
CA LEU A 325 8.89 26.56 23.15
C LEU A 325 7.70 26.35 24.09
N VAL A 326 7.81 26.92 25.31
CA VAL A 326 6.74 26.91 26.29
C VAL A 326 6.52 28.33 26.79
N PHE A 327 5.29 28.85 26.65
CA PHE A 327 4.95 30.14 27.19
C PHE A 327 4.68 30.01 28.69
N ALA A 328 5.10 31.02 29.45
CA ALA A 328 4.90 31.01 30.90
C ALA A 328 3.44 31.31 31.22
N SER A 329 2.93 30.68 32.29
CA SER A 329 1.58 30.92 32.77
C SER A 329 1.49 32.31 33.40
N GLU A 330 0.25 32.77 33.64
CA GLU A 330 0.04 34.05 34.30
C GLU A 330 0.52 33.98 35.75
N ALA A 331 0.42 32.80 36.38
CA ALA A 331 0.87 32.62 37.75
C ALA A 331 2.39 32.69 37.82
N GLU A 332 3.07 32.07 36.84
CA GLU A 332 4.52 32.08 36.79
C GLU A 332 5.03 33.51 36.59
N ILE A 333 4.37 34.26 35.70
CA ILE A 333 4.76 35.61 35.34
C ILE A 333 4.57 36.54 36.54
N ARG A 334 3.45 36.40 37.25
CA ARG A 334 3.14 37.28 38.38
C ARG A 334 4.08 37.03 39.55
N ALA A 335 4.36 35.75 39.84
CA ALA A 335 5.33 35.40 40.87
C ALA A 335 6.68 36.03 40.54
N ALA A 336 7.10 35.88 39.28
CA ALA A 336 8.42 36.30 38.83
C ALA A 336 8.55 37.83 38.82
N ILE A 337 7.57 38.51 38.20
CA ILE A 337 7.72 39.93 37.86
C ILE A 337 6.93 40.81 38.81
N GLY A 338 5.84 40.30 39.41
CA GLY A 338 5.00 41.09 40.29
C GLY A 338 3.88 41.80 39.53
N ALA A 339 3.80 41.54 38.22
CA ALA A 339 2.74 42.06 37.37
C ALA A 339 2.44 41.03 36.29
N GLY A 340 1.30 41.21 35.60
CA GLY A 340 0.79 40.20 34.68
C GLY A 340 0.88 40.63 33.21
N PRO A 341 0.48 39.76 32.27
CA PRO A 341 0.43 40.11 30.85
C PRO A 341 -0.40 41.37 30.64
N GLY A 342 0.09 42.26 29.76
CA GLY A 342 -0.50 43.56 29.57
C GLY A 342 0.27 44.67 30.27
N SER A 343 1.13 44.32 31.24
CA SER A 343 1.85 45.30 32.02
C SER A 343 3.34 44.96 32.10
N LEU A 344 3.87 44.31 31.06
CA LEU A 344 5.24 43.79 31.08
C LEU A 344 6.11 44.56 30.09
N GLY A 345 7.41 44.63 30.38
CA GLY A 345 8.38 45.32 29.56
C GLY A 345 9.81 45.10 30.03
N PRO A 346 10.81 45.73 29.38
CA PRO A 346 12.22 45.52 29.71
C PRO A 346 12.80 46.37 30.85
N VAL A 347 12.04 47.37 31.31
CA VAL A 347 12.51 48.27 32.37
C VAL A 347 12.24 47.63 33.73
N ASN A 348 13.30 47.47 34.53
CA ASN A 348 13.24 46.85 35.85
C ASN A 348 12.66 45.44 35.75
N LEU A 349 13.16 44.69 34.76
CA LEU A 349 12.74 43.32 34.52
C LEU A 349 13.72 42.38 35.22
N PRO A 350 13.28 41.59 36.22
CA PRO A 350 14.17 40.70 36.96
C PRO A 350 14.45 39.34 36.33
N ILE A 351 14.21 39.21 35.01
CA ILE A 351 14.54 38.01 34.25
C ILE A 351 15.32 38.41 33.01
N ALA A 352 15.96 37.41 32.38
CA ALA A 352 16.72 37.61 31.15
C ALA A 352 15.79 38.08 30.03
N CYS A 353 16.35 38.82 29.08
CA CYS A 353 15.56 39.45 28.04
C CYS A 353 16.31 39.42 26.70
N ILE A 354 15.55 39.19 25.63
CA ILE A 354 16.07 39.23 24.26
C ILE A 354 15.11 40.08 23.43
N VAL A 355 15.64 41.05 22.68
CA VAL A 355 14.82 41.92 21.85
C VAL A 355 15.09 41.62 20.37
N ASP A 356 14.04 41.77 19.55
CA ASP A 356 14.17 41.64 18.11
C ASP A 356 15.08 42.77 17.59
N ARG A 357 15.69 42.54 16.43
CA ARG A 357 16.58 43.51 15.81
C ARG A 357 15.90 44.86 15.64
N SER A 358 14.64 44.84 15.18
CA SER A 358 13.88 46.05 14.93
C SER A 358 13.63 46.82 16.24
N VAL A 359 13.48 46.09 17.35
CA VAL A 359 13.23 46.70 18.65
C VAL A 359 14.47 47.46 19.11
N ALA A 360 15.66 46.95 18.74
CA ALA A 360 16.91 47.56 19.16
C ALA A 360 17.06 48.98 18.59
N LEU A 361 16.39 49.26 17.47
CA LEU A 361 16.54 50.53 16.78
C LEU A 361 15.39 51.48 17.10
N MET A 362 14.45 51.04 17.94
CA MET A 362 13.29 51.86 18.28
C MET A 362 13.71 52.98 19.24
N SER A 363 12.93 54.07 19.23
CA SER A 363 13.15 55.21 20.11
C SER A 363 11.81 55.74 20.61
N ASP A 364 11.84 56.37 21.79
CA ASP A 364 10.67 57.02 22.39
C ASP A 364 9.47 56.06 22.39
N PHE A 365 9.68 54.83 22.87
CA PHE A 365 8.66 53.81 22.75
C PHE A 365 7.90 53.60 24.06
N ALA A 366 6.76 52.92 23.96
CA ALA A 366 5.90 52.62 25.08
C ALA A 366 6.03 51.14 25.44
N ALA A 367 6.04 50.84 26.74
CA ALA A 367 6.17 49.47 27.21
C ALA A 367 5.56 49.33 28.60
N GLY A 368 5.13 48.11 28.93
CA GLY A 368 4.65 47.82 30.26
C GLY A 368 5.73 48.12 31.29
N ALA A 369 5.30 48.55 32.49
CA ALA A 369 6.21 49.07 33.50
C ALA A 369 6.68 47.97 34.46
N ASN A 370 6.16 46.74 34.27
CA ASN A 370 6.32 45.67 35.23
C ASN A 370 5.71 46.09 36.57
N ILE A 371 4.69 46.95 36.47
CA ILE A 371 3.82 47.32 37.59
C ILE A 371 2.40 47.26 37.05
N GLU A 372 1.49 46.64 37.79
CA GLU A 372 0.16 46.32 37.26
C GLU A 372 -0.54 47.60 36.84
N ASP A 373 -1.14 47.56 35.64
CA ASP A 373 -1.93 48.66 35.08
C ASP A 373 -1.08 49.91 34.88
N LYS A 374 0.18 49.74 34.49
CA LYS A 374 1.03 50.89 34.19
C LYS A 374 1.95 50.60 33.01
N HIS A 375 2.32 51.68 32.30
CA HIS A 375 3.27 51.63 31.20
C HIS A 375 4.30 52.74 31.39
N TYR A 376 5.45 52.56 30.73
CA TYR A 376 6.39 53.65 30.50
C TYR A 376 6.20 54.14 29.08
N PHE A 377 6.16 55.48 28.91
CA PHE A 377 6.21 56.11 27.61
C PHE A 377 7.54 56.86 27.46
N GLY A 378 8.08 56.88 26.24
CA GLY A 378 9.29 57.63 25.94
C GLY A 378 10.55 56.89 26.40
N VAL A 379 10.53 55.56 26.30
CA VAL A 379 11.67 54.75 26.66
C VAL A 379 12.71 54.86 25.55
N ASN A 380 13.98 55.02 25.94
CA ASN A 380 15.08 55.10 24.99
C ASN A 380 16.25 54.27 25.52
N TRP A 381 16.82 53.44 24.64
CA TRP A 381 17.88 52.52 25.00
C TRP A 381 19.12 53.30 25.44
N GLU A 382 19.85 52.72 26.41
CA GLU A 382 21.09 53.25 26.97
C GLU A 382 20.82 54.40 27.95
N ARG A 383 19.96 55.36 27.58
CA ARG A 383 19.64 56.47 28.46
C ARG A 383 18.86 55.98 29.67
N ASP A 384 17.80 55.20 29.43
CA ASP A 384 16.87 54.79 30.47
C ASP A 384 17.18 53.38 30.97
N LEU A 385 17.77 52.54 30.11
CA LEU A 385 18.16 51.19 30.48
C LEU A 385 19.11 50.64 29.42
N PRO A 386 20.01 49.69 29.77
CA PRO A 386 20.91 49.09 28.80
C PRO A 386 20.14 48.21 27.81
N LEU A 387 20.63 48.17 26.56
CA LEU A 387 20.09 47.28 25.55
C LEU A 387 20.49 45.86 25.91
N PRO A 388 19.53 44.91 26.07
CA PRO A 388 19.87 43.51 26.29
C PRO A 388 20.29 42.84 24.98
N GLU A 389 20.43 41.51 25.02
CA GLU A 389 20.81 40.74 23.85
C GLU A 389 19.83 41.02 22.71
N VAL A 390 20.36 41.08 21.49
CA VAL A 390 19.55 41.30 20.28
C VAL A 390 19.58 40.02 19.45
N ALA A 391 18.49 39.75 18.73
CA ALA A 391 18.41 38.59 17.86
C ALA A 391 17.24 38.73 16.88
N ASP A 392 17.21 37.83 15.89
CA ASP A 392 16.11 37.72 14.96
C ASP A 392 15.02 36.86 15.60
N LEU A 393 13.91 37.50 15.98
CA LEU A 393 12.84 36.85 16.74
C LEU A 393 11.50 36.88 16.02
N ARG A 394 11.36 37.73 14.99
CA ARG A 394 10.05 38.01 14.43
C ARG A 394 9.88 37.35 13.07
N ASN A 395 8.63 37.34 12.58
CA ASN A 395 8.33 37.04 11.20
C ASN A 395 8.57 38.28 10.35
N VAL A 396 9.02 38.08 9.10
CA VAL A 396 9.09 39.15 8.13
C VAL A 396 7.68 39.56 7.74
N VAL A 397 7.53 40.78 7.25
CA VAL A 397 6.27 41.29 6.75
C VAL A 397 6.48 41.79 5.31
N GLU A 398 5.36 41.98 4.61
CA GLU A 398 5.36 42.49 3.25
C GLU A 398 6.15 43.80 3.21
N GLY A 399 7.11 43.89 2.29
CA GLY A 399 7.82 45.13 2.02
C GLY A 399 9.15 45.25 2.77
N ASP A 400 9.47 44.25 3.61
CA ASP A 400 10.68 44.29 4.40
C ASP A 400 11.90 44.10 3.49
N PRO A 401 13.11 44.51 3.93
CA PRO A 401 14.32 44.28 3.15
C PRO A 401 14.60 42.79 3.02
N SER A 402 15.03 42.37 1.82
CA SER A 402 15.49 41.01 1.60
C SER A 402 16.78 40.78 2.39
N PRO A 403 16.88 39.71 3.20
CA PRO A 403 18.05 39.50 4.04
C PRO A 403 19.37 39.29 3.29
N ASP A 404 19.30 38.94 2.00
CA ASP A 404 20.48 38.76 1.17
C ASP A 404 20.98 40.12 0.66
N GLY A 405 20.14 41.16 0.76
CA GLY A 405 20.54 42.52 0.44
C GLY A 405 19.94 43.03 -0.87
N LYS A 406 19.29 42.14 -1.63
CA LYS A 406 18.79 42.48 -2.95
C LYS A 406 17.27 42.49 -2.94
N GLY A 407 16.69 43.70 -2.90
CA GLY A 407 15.26 43.90 -3.11
C GLY A 407 14.47 43.89 -1.80
N THR A 408 13.13 43.87 -1.94
CA THR A 408 12.23 43.85 -0.80
C THR A 408 11.34 42.62 -0.92
N LEU A 409 10.82 42.15 0.23
CA LEU A 409 10.20 40.84 0.31
C LEU A 409 8.74 40.92 -0.10
N VAL A 410 8.25 39.80 -0.67
CA VAL A 410 6.87 39.61 -1.04
C VAL A 410 6.44 38.24 -0.52
N ILE A 411 5.23 38.17 0.05
CA ILE A 411 4.75 36.97 0.71
C ILE A 411 3.61 36.38 -0.12
N LYS A 412 3.79 35.12 -0.54
CA LYS A 412 2.79 34.36 -1.28
C LYS A 412 2.35 33.18 -0.44
N ARG A 413 1.30 32.49 -0.90
CA ARG A 413 0.78 31.33 -0.19
C ARG A 413 1.13 30.07 -0.99
N GLY A 414 1.58 29.03 -0.27
CA GLY A 414 2.07 27.81 -0.90
C GLY A 414 1.47 26.55 -0.26
N ILE A 415 1.27 25.52 -1.09
CA ILE A 415 0.93 24.17 -0.66
C ILE A 415 2.19 23.32 -0.76
N GLU A 416 2.72 22.87 0.40
CA GLU A 416 3.91 22.05 0.42
C GLU A 416 3.59 20.68 -0.19
N VAL A 417 4.41 20.27 -1.18
CA VAL A 417 4.28 18.98 -1.82
C VAL A 417 5.58 18.18 -1.71
N GLY A 418 6.65 18.81 -1.21
CA GLY A 418 7.91 18.11 -0.99
C GLY A 418 8.77 18.80 0.07
N HIS A 419 9.65 18.03 0.72
CA HIS A 419 10.49 18.54 1.79
C HIS A 419 11.72 17.63 1.91
N ILE A 420 12.92 18.22 1.74
CA ILE A 420 14.17 17.47 1.81
C ILE A 420 14.98 17.96 3.01
N PHE A 421 15.71 17.03 3.64
CA PHE A 421 16.41 17.30 4.89
C PHE A 421 17.82 16.70 4.89
N GLN A 422 18.74 17.39 5.56
CA GLN A 422 20.04 16.84 5.92
C GLN A 422 19.98 16.45 7.40
N LEU A 423 20.26 15.17 7.68
CA LEU A 423 19.96 14.58 8.97
C LEU A 423 21.22 14.42 9.83
N GLY A 424 22.40 14.51 9.21
CA GLY A 424 23.63 14.22 9.91
C GLY A 424 23.65 12.78 10.41
N THR A 425 24.03 12.59 11.67
CA THR A 425 24.26 11.26 12.22
C THR A 425 23.27 10.96 13.34
N LYS A 426 22.15 11.67 13.40
CA LYS A 426 21.26 11.60 14.55
C LYS A 426 20.65 10.19 14.66
N TYR A 427 20.42 9.53 13.52
CA TYR A 427 19.88 8.17 13.51
C TYR A 427 21.02 7.15 13.56
N SER A 428 22.08 7.38 12.77
CA SER A 428 23.16 6.42 12.64
C SER A 428 23.95 6.27 13.94
N GLU A 429 24.00 7.36 14.73
CA GLU A 429 24.64 7.35 16.03
C GLU A 429 23.73 6.64 17.04
N ALA A 430 22.43 6.94 16.99
CA ALA A 430 21.47 6.40 17.94
C ALA A 430 21.25 4.90 17.69
N MET A 431 21.40 4.46 16.44
CA MET A 431 21.08 3.10 16.06
C MET A 431 22.34 2.32 15.64
N LYS A 432 23.52 2.93 15.84
CA LYS A 432 24.81 2.28 15.68
C LYS A 432 25.00 1.78 14.26
N LEU A 433 24.88 2.69 13.29
CA LEU A 433 25.10 2.39 11.88
C LEU A 433 26.45 2.97 11.45
N SER A 434 27.46 2.10 11.27
CA SER A 434 28.80 2.54 10.94
C SER A 434 29.44 1.63 9.89
N VAL A 435 30.35 2.23 9.10
CA VAL A 435 31.10 1.54 8.07
C VAL A 435 32.54 2.07 8.11
N LEU A 436 33.52 1.18 7.88
CA LEU A 436 34.92 1.58 7.86
C LEU A 436 35.21 2.33 6.56
N SER A 437 36.01 3.40 6.65
CA SER A 437 36.45 4.15 5.50
C SER A 437 37.56 3.41 4.78
N GLU A 438 38.03 3.98 3.66
CA GLU A 438 39.16 3.44 2.91
C GLU A 438 40.39 3.35 3.83
N GLN A 439 40.50 4.29 4.78
CA GLN A 439 41.61 4.35 5.72
C GLN A 439 41.44 3.34 6.85
N GLY A 440 40.21 2.87 7.05
CA GLY A 440 39.92 1.84 8.05
C GLY A 440 39.46 2.41 9.38
N LYS A 441 38.87 3.62 9.34
CA LYS A 441 38.37 4.28 10.54
C LYS A 441 36.85 4.15 10.59
N PRO A 442 36.23 3.95 11.78
CA PRO A 442 34.77 3.88 11.89
C PRO A 442 34.08 5.21 11.58
N VAL A 443 33.06 5.16 10.73
CA VAL A 443 32.31 6.35 10.33
C VAL A 443 30.82 6.09 10.53
N ASN A 444 30.19 6.89 11.40
CA ASN A 444 28.73 6.95 11.50
C ASN A 444 28.19 7.59 10.23
N LEU A 445 27.37 6.84 9.49
CA LEU A 445 26.91 7.26 8.17
C LEU A 445 26.11 8.56 8.31
N ILE A 446 26.42 9.50 7.42
CA ILE A 446 25.71 10.77 7.35
C ILE A 446 24.55 10.59 6.37
N MET A 447 23.36 11.07 6.77
CA MET A 447 22.14 10.69 6.07
C MET A 447 21.37 11.93 5.62
N GLY A 448 20.57 11.75 4.58
CA GLY A 448 19.56 12.70 4.17
C GLY A 448 18.25 11.98 3.88
N CYS A 449 17.14 12.73 3.87
CA CYS A 449 15.85 12.13 3.54
C CYS A 449 15.00 13.14 2.77
N TYR A 450 14.17 12.59 1.87
CA TYR A 450 13.48 13.37 0.87
C TYR A 450 12.07 12.80 0.75
N GLY A 451 11.06 13.68 0.90
CA GLY A 451 9.68 13.26 0.87
C GLY A 451 8.84 14.08 -0.09
N ILE A 452 7.99 13.38 -0.88
CA ILE A 452 6.96 14.02 -1.69
C ILE A 452 5.61 13.48 -1.26
N GLY A 453 4.67 14.39 -0.98
CA GLY A 453 3.30 14.02 -0.70
C GLY A 453 2.51 13.75 -1.97
N VAL A 454 2.51 12.48 -2.42
CA VAL A 454 2.01 12.14 -3.73
C VAL A 454 0.50 12.39 -3.78
N SER A 455 -0.21 12.05 -2.70
CA SER A 455 -1.64 12.32 -2.61
C SER A 455 -1.89 13.81 -2.68
N ARG A 456 -1.11 14.59 -1.91
CA ARG A 456 -1.26 16.03 -1.85
C ARG A 456 -1.05 16.67 -3.23
N VAL A 457 -0.11 16.13 -4.01
CA VAL A 457 0.18 16.65 -5.34
C VAL A 457 -1.09 16.65 -6.19
N VAL A 458 -1.85 15.55 -6.14
CA VAL A 458 -3.06 15.43 -6.95
C VAL A 458 -4.00 16.58 -6.63
N ALA A 459 -4.23 16.82 -5.32
CA ALA A 459 -5.14 17.86 -4.87
C ALA A 459 -4.58 19.25 -5.18
N ALA A 460 -3.27 19.41 -4.97
CA ALA A 460 -2.60 20.70 -5.17
C ALA A 460 -2.74 21.15 -6.63
N ALA A 461 -2.71 20.20 -7.56
CA ALA A 461 -2.89 20.49 -8.97
C ALA A 461 -4.24 21.15 -9.21
N ILE A 462 -5.28 20.68 -8.50
CA ILE A 462 -6.63 21.20 -8.68
C ILE A 462 -6.77 22.56 -8.00
N GLU A 463 -6.14 22.72 -6.81
CA GLU A 463 -6.17 23.99 -6.11
C GLU A 463 -5.63 25.10 -7.01
N GLN A 464 -4.58 24.77 -7.77
CA GLN A 464 -3.91 25.74 -8.63
C GLN A 464 -4.66 25.90 -9.96
N ASN A 465 -5.22 24.81 -10.48
CA ASN A 465 -5.75 24.78 -11.84
C ASN A 465 -7.20 24.31 -11.83
N HIS A 466 -8.11 25.29 -11.88
CA HIS A 466 -9.54 25.03 -12.03
C HIS A 466 -10.21 26.27 -12.59
N ASP A 467 -11.47 26.11 -13.00
CA ASP A 467 -12.27 27.22 -13.50
C ASP A 467 -13.74 26.95 -13.14
N GLU A 468 -14.66 27.67 -13.77
CA GLU A 468 -16.08 27.63 -13.43
C GLU A 468 -16.71 26.30 -13.86
N ARG A 469 -16.10 25.63 -14.85
CA ARG A 469 -16.65 24.40 -15.39
C ARG A 469 -16.04 23.16 -14.72
N GLY A 470 -15.01 23.34 -13.88
CA GLY A 470 -14.46 22.25 -13.09
C GLY A 470 -12.94 22.19 -13.16
N ILE A 471 -12.40 20.97 -13.27
CA ILE A 471 -10.97 20.73 -13.11
C ILE A 471 -10.25 21.08 -14.42
N LEU A 472 -9.05 21.66 -14.27
CA LEU A 472 -8.13 21.88 -15.36
C LEU A 472 -6.86 21.08 -15.09
N TRP A 473 -6.78 19.86 -15.63
CA TRP A 473 -5.61 19.02 -15.41
C TRP A 473 -4.45 19.53 -16.26
N PRO A 474 -3.22 19.60 -15.71
CA PRO A 474 -2.01 19.66 -16.54
C PRO A 474 -1.94 18.40 -17.42
N SER A 475 -1.26 18.51 -18.55
CA SER A 475 -1.28 17.50 -19.61
C SER A 475 -0.97 16.11 -19.07
N ALA A 476 0.03 16.01 -18.19
CA ALA A 476 0.55 14.72 -17.77
C ALA A 476 -0.36 14.05 -16.72
N LEU A 477 -1.36 14.79 -16.21
CA LEU A 477 -2.19 14.33 -15.11
C LEU A 477 -3.59 13.92 -15.57
N ALA A 478 -4.03 14.39 -16.75
CA ALA A 478 -5.40 14.16 -17.19
C ALA A 478 -5.71 12.67 -17.18
N PRO A 479 -6.83 12.24 -16.57
CA PRO A 479 -7.16 10.81 -16.47
C PRO A 479 -7.41 10.18 -17.84
N PHE A 480 -8.00 10.98 -18.75
CA PHE A 480 -8.09 10.63 -20.16
C PHE A 480 -7.74 11.86 -21.00
N GLN A 481 -7.37 11.63 -22.26
CA GLN A 481 -7.02 12.70 -23.18
C GLN A 481 -8.25 13.10 -24.01
N ILE A 482 -9.05 12.10 -24.42
CA ILE A 482 -10.15 12.32 -25.35
C ILE A 482 -11.42 11.71 -24.76
N ALA A 483 -12.53 12.44 -24.93
CA ALA A 483 -13.85 11.92 -24.59
C ALA A 483 -14.67 11.79 -25.87
N LEU A 484 -15.17 10.58 -26.15
CA LEU A 484 -16.10 10.36 -27.24
C LEU A 484 -17.52 10.46 -26.72
N VAL A 485 -18.28 11.42 -27.27
CA VAL A 485 -19.65 11.67 -26.87
C VAL A 485 -20.56 11.38 -28.05
N PRO A 486 -20.88 10.09 -28.32
CA PRO A 486 -21.79 9.74 -29.42
C PRO A 486 -23.23 10.16 -29.14
N LEU A 487 -23.84 10.87 -30.10
CA LEU A 487 -25.25 11.21 -30.04
C LEU A 487 -26.05 10.10 -30.73
N LYS A 488 -26.92 9.44 -29.95
CA LYS A 488 -27.64 8.25 -30.38
C LYS A 488 -26.63 7.14 -30.66
N TYR A 489 -25.90 6.75 -29.60
CA TYR A 489 -24.97 5.62 -29.65
C TYR A 489 -25.72 4.33 -29.98
N GLU A 490 -27.03 4.31 -29.71
CA GLU A 490 -27.86 3.14 -29.98
C GLU A 490 -27.99 2.89 -31.48
N THR A 491 -27.96 3.96 -32.30
CA THR A 491 -28.10 3.83 -33.74
C THR A 491 -26.82 3.23 -34.31
N GLU A 492 -26.98 2.24 -35.20
CA GLU A 492 -25.88 1.38 -35.65
C GLU A 492 -24.80 2.20 -36.35
N SER A 493 -25.20 3.24 -37.11
CA SER A 493 -24.25 4.05 -37.85
C SER A 493 -23.29 4.76 -36.89
N VAL A 494 -23.86 5.42 -35.86
CA VAL A 494 -23.04 6.17 -34.90
C VAL A 494 -22.22 5.18 -34.06
N LYS A 495 -22.80 4.02 -33.74
CA LYS A 495 -22.11 3.03 -32.91
C LYS A 495 -20.86 2.54 -33.64
N GLN A 496 -21.02 2.21 -34.92
CA GLN A 496 -19.93 1.68 -35.73
C GLN A 496 -18.81 2.71 -35.84
N ALA A 497 -19.18 3.96 -36.15
CA ALA A 497 -18.20 5.04 -36.31
C ALA A 497 -17.47 5.27 -35.00
N THR A 498 -18.23 5.33 -33.89
CA THR A 498 -17.71 5.62 -32.58
C THR A 498 -16.71 4.55 -32.15
N ASP A 499 -17.09 3.27 -32.31
CA ASP A 499 -16.26 2.15 -31.88
C ASP A 499 -14.99 2.08 -32.71
N LYS A 500 -15.11 2.42 -34.00
CA LYS A 500 -13.98 2.47 -34.92
C LYS A 500 -13.02 3.56 -34.46
N LEU A 501 -13.59 4.72 -34.11
CA LEU A 501 -12.85 5.89 -33.69
C LEU A 501 -12.10 5.62 -32.39
N TYR A 502 -12.75 4.87 -31.48
CA TYR A 502 -12.14 4.50 -30.21
C TYR A 502 -10.93 3.60 -30.48
N ALA A 503 -11.09 2.63 -31.40
CA ALA A 503 -10.06 1.64 -31.67
C ALA A 503 -8.80 2.31 -32.24
N GLU A 504 -8.99 3.20 -33.23
CA GLU A 504 -7.88 3.85 -33.90
C GLU A 504 -7.10 4.73 -32.92
N LEU A 505 -7.82 5.54 -32.13
CA LEU A 505 -7.19 6.45 -31.18
C LEU A 505 -6.43 5.67 -30.11
N THR A 506 -7.07 4.61 -29.61
CA THR A 506 -6.44 3.74 -28.62
C THR A 506 -5.16 3.14 -29.17
N ALA A 507 -5.22 2.68 -30.43
CA ALA A 507 -4.08 2.05 -31.08
C ALA A 507 -2.91 3.02 -31.21
N ALA A 508 -3.20 4.31 -31.40
CA ALA A 508 -2.18 5.34 -31.52
C ALA A 508 -1.55 5.64 -30.16
N GLY A 509 -2.19 5.17 -29.08
CA GLY A 509 -1.64 5.28 -27.73
C GLY A 509 -2.33 6.37 -26.91
N PHE A 510 -3.48 6.85 -27.39
CA PHE A 510 -4.26 7.84 -26.66
C PHE A 510 -5.19 7.14 -25.68
N GLU A 511 -5.49 7.83 -24.58
CA GLU A 511 -6.41 7.32 -23.57
C GLU A 511 -7.78 7.96 -23.77
N VAL A 512 -8.76 7.14 -24.14
CA VAL A 512 -10.05 7.58 -24.61
C VAL A 512 -11.12 7.11 -23.61
N LEU A 513 -12.09 7.99 -23.31
CA LEU A 513 -13.26 7.61 -22.55
C LEU A 513 -14.49 7.77 -23.43
N LEU A 514 -15.30 6.71 -23.51
CA LEU A 514 -16.50 6.69 -24.32
C LEU A 514 -17.72 6.90 -23.43
N ASP A 515 -18.57 7.86 -23.81
CA ASP A 515 -19.81 8.13 -23.10
C ASP A 515 -20.92 7.28 -23.72
N ASP A 516 -21.25 6.18 -23.03
CA ASP A 516 -22.17 5.18 -23.54
C ASP A 516 -23.53 5.29 -22.84
N ARG A 517 -23.74 6.38 -22.10
CA ARG A 517 -24.98 6.58 -21.36
C ARG A 517 -26.11 6.90 -22.34
N ASP A 518 -27.33 6.52 -21.96
CA ASP A 518 -28.48 6.65 -22.84
C ASP A 518 -29.01 8.09 -22.77
N LYS A 519 -30.18 8.32 -23.38
CA LYS A 519 -30.70 9.66 -23.60
C LYS A 519 -31.30 10.26 -22.32
N LYS A 520 -31.37 9.46 -21.25
CA LYS A 520 -31.77 9.99 -19.94
C LYS A 520 -30.70 10.95 -19.43
N THR A 521 -29.47 10.81 -19.94
CA THR A 521 -28.41 11.79 -19.75
C THR A 521 -28.30 12.63 -21.02
N SER A 522 -28.67 13.92 -20.92
CA SER A 522 -28.71 14.80 -22.08
C SER A 522 -27.30 15.18 -22.51
N PRO A 523 -27.09 15.58 -23.78
CA PRO A 523 -25.77 16.01 -24.25
C PRO A 523 -25.14 17.12 -23.40
N GLY A 524 -25.97 18.06 -22.93
CA GLY A 524 -25.51 19.16 -22.11
C GLY A 524 -24.85 18.69 -20.82
N VAL A 525 -25.45 17.67 -20.20
CA VAL A 525 -24.94 17.09 -18.97
C VAL A 525 -23.66 16.31 -19.28
N LYS A 526 -23.64 15.59 -20.41
CA LYS A 526 -22.48 14.83 -20.83
C LYS A 526 -21.28 15.77 -21.01
N PHE A 527 -21.50 16.87 -21.73
CA PHE A 527 -20.46 17.84 -22.02
C PHE A 527 -19.92 18.42 -20.71
N ALA A 528 -20.83 18.76 -19.79
CA ALA A 528 -20.45 19.34 -18.51
C ALA A 528 -19.67 18.32 -17.67
N ASP A 529 -20.15 17.07 -17.64
CA ASP A 529 -19.49 16.00 -16.92
C ASP A 529 -18.04 15.87 -17.38
N MET A 530 -17.83 15.84 -18.70
CA MET A 530 -16.51 15.61 -19.28
C MET A 530 -15.58 16.77 -18.91
N GLU A 531 -16.13 17.99 -18.88
CA GLU A 531 -15.35 19.18 -18.55
C GLU A 531 -15.01 19.22 -17.06
N LEU A 532 -15.98 18.82 -16.22
CA LEU A 532 -15.80 18.81 -14.78
C LEU A 532 -14.65 17.88 -14.39
N ILE A 533 -14.59 16.71 -15.04
CA ILE A 533 -13.56 15.72 -14.81
C ILE A 533 -12.21 16.27 -15.29
N GLY A 534 -12.26 17.18 -16.27
CA GLY A 534 -11.08 17.89 -16.73
C GLY A 534 -10.42 17.20 -17.92
N ILE A 535 -11.24 16.56 -18.77
CA ILE A 535 -10.72 15.90 -19.96
C ILE A 535 -10.45 16.99 -21.00
N PRO A 536 -9.20 17.10 -21.52
CA PRO A 536 -8.82 18.24 -22.37
C PRO A 536 -9.45 18.30 -23.76
N HIS A 537 -9.92 17.15 -24.28
CA HIS A 537 -10.45 17.11 -25.64
C HIS A 537 -11.67 16.20 -25.70
N ARG A 538 -12.69 16.63 -26.44
CA ARG A 538 -13.86 15.81 -26.69
C ARG A 538 -14.15 15.77 -28.19
N ILE A 539 -14.74 14.66 -28.64
CA ILE A 539 -15.20 14.49 -30.01
C ILE A 539 -16.65 14.01 -29.97
N VAL A 540 -17.53 14.71 -30.69
CA VAL A 540 -18.94 14.36 -30.78
C VAL A 540 -19.17 13.67 -32.12
N ILE A 541 -19.95 12.58 -32.10
CA ILE A 541 -20.31 11.83 -33.28
C ILE A 541 -21.83 11.85 -33.44
N SER A 542 -22.30 12.21 -34.64
CA SER A 542 -23.73 12.31 -34.92
C SER A 542 -24.00 11.98 -36.39
N ASP A 543 -25.25 11.63 -36.69
CA ASP A 543 -25.68 11.29 -38.04
C ASP A 543 -25.49 12.48 -38.97
N ARG A 544 -25.90 13.66 -38.52
CA ARG A 544 -25.76 14.88 -39.31
C ARG A 544 -24.28 15.15 -39.61
N GLY A 545 -23.40 14.76 -38.68
CA GLY A 545 -21.96 14.90 -38.86
C GLY A 545 -21.41 13.91 -39.88
N LEU A 546 -21.75 12.62 -39.70
CA LEU A 546 -21.21 11.54 -40.52
C LEU A 546 -21.67 11.67 -41.96
N SER A 547 -22.88 12.20 -42.17
CA SER A 547 -23.44 12.42 -43.50
C SER A 547 -22.64 13.48 -44.26
N GLU A 548 -21.94 14.35 -43.53
CA GLU A 548 -21.08 15.37 -44.11
C GLU A 548 -19.62 14.95 -44.00
N GLY A 549 -19.37 13.76 -43.44
CA GLY A 549 -18.01 13.26 -43.27
C GLY A 549 -17.17 14.10 -42.32
N VAL A 550 -17.81 14.62 -41.26
CA VAL A 550 -17.11 15.42 -40.27
C VAL A 550 -17.41 14.90 -38.87
N LEU A 551 -16.47 15.15 -37.95
CA LEU A 551 -16.69 15.00 -36.53
C LEU A 551 -16.66 16.40 -35.90
N GLU A 552 -17.33 16.55 -34.75
CA GLU A 552 -17.36 17.83 -34.03
C GLU A 552 -16.38 17.76 -32.86
N TYR A 553 -15.29 18.53 -32.98
CA TYR A 553 -14.25 18.58 -31.95
C TYR A 553 -14.50 19.80 -31.06
N LYS A 554 -14.07 19.70 -29.79
CA LYS A 554 -13.97 20.86 -28.93
C LYS A 554 -12.90 20.62 -27.86
N GLY A 555 -12.02 21.61 -27.69
CA GLY A 555 -11.04 21.60 -26.61
C GLY A 555 -11.64 22.10 -25.30
N ARG A 556 -11.07 21.63 -24.19
CA ARG A 556 -11.53 21.99 -22.85
C ARG A 556 -11.43 23.51 -22.65
N ARG A 557 -10.39 24.13 -23.22
CA ARG A 557 -10.12 25.55 -23.01
C ARG A 557 -10.71 26.39 -24.14
N ASP A 558 -11.29 25.75 -25.17
CA ASP A 558 -11.89 26.47 -26.27
C ASP A 558 -13.29 26.93 -25.88
N SER A 559 -13.74 28.03 -26.51
CA SER A 559 -15.09 28.55 -26.31
C SER A 559 -16.07 27.92 -27.30
N GLU A 560 -15.61 27.61 -28.51
CA GLU A 560 -16.47 27.10 -29.57
C GLU A 560 -15.95 25.76 -30.10
N SER A 561 -16.86 24.97 -30.69
CA SER A 561 -16.52 23.75 -31.39
C SER A 561 -16.05 24.07 -32.80
N GLN A 562 -15.45 23.07 -33.46
CA GLN A 562 -15.06 23.19 -34.86
C GLN A 562 -15.20 21.82 -35.53
N ASN A 563 -15.64 21.84 -36.80
CA ASN A 563 -15.84 20.61 -37.55
C ASN A 563 -14.50 20.04 -37.97
N LEU A 564 -14.44 18.71 -38.01
CA LEU A 564 -13.22 17.97 -38.24
C LEU A 564 -13.47 16.91 -39.31
N PRO A 565 -12.85 17.01 -40.51
CA PRO A 565 -13.02 15.98 -41.53
C PRO A 565 -12.45 14.65 -41.06
N ILE A 566 -13.20 13.57 -41.30
CA ILE A 566 -12.87 12.24 -40.78
C ILE A 566 -11.50 11.80 -41.31
N GLY A 567 -11.20 12.16 -42.56
CA GLY A 567 -9.95 11.76 -43.21
C GLY A 567 -8.70 12.32 -42.54
N GLU A 568 -8.85 13.41 -41.77
CA GLU A 568 -7.73 14.12 -41.18
C GLU A 568 -7.75 14.00 -39.65
N LEU A 569 -8.28 12.87 -39.15
CA LEU A 569 -8.50 12.69 -37.72
C LEU A 569 -7.17 12.71 -36.97
N MET A 570 -6.29 11.74 -37.28
CA MET A 570 -5.09 11.49 -36.50
C MET A 570 -4.19 12.73 -36.53
N SER A 571 -4.06 13.34 -37.71
CA SER A 571 -3.18 14.48 -37.89
C SER A 571 -3.63 15.65 -37.01
N PHE A 572 -4.95 15.84 -36.93
CA PHE A 572 -5.54 16.95 -36.19
C PHE A 572 -5.38 16.74 -34.68
N ILE A 573 -5.75 15.55 -34.19
CA ILE A 573 -5.76 15.23 -32.77
C ILE A 573 -4.32 15.13 -32.25
N THR A 574 -3.44 14.52 -33.04
CA THR A 574 -2.02 14.43 -32.71
C THR A 574 -1.46 15.83 -32.46
N GLU A 575 -1.87 16.79 -33.31
CA GLU A 575 -1.41 18.16 -33.23
C GLU A 575 -1.85 18.76 -31.89
N LYS A 576 -3.10 18.50 -31.49
CA LYS A 576 -3.68 19.04 -30.28
C LYS A 576 -3.00 18.48 -29.03
N LEU A 577 -2.56 17.21 -29.10
CA LEU A 577 -1.95 16.53 -27.96
C LEU A 577 -0.42 16.62 -28.06
N SER A 578 0.10 17.85 -28.20
CA SER A 578 1.53 18.07 -28.30
C SER A 578 1.84 19.55 -28.06
N HIS B 8 22.99 3.57 -15.29
CA HIS B 8 23.46 2.17 -15.46
C HIS B 8 23.17 1.38 -14.18
N MET B 9 22.28 0.38 -14.28
CA MET B 9 22.05 -0.56 -13.19
C MET B 9 23.32 -1.38 -12.99
N ARG B 10 24.04 -1.12 -11.90
CA ARG B 10 25.30 -1.77 -11.61
C ARG B 10 25.15 -2.67 -10.38
N THR B 11 26.13 -3.56 -10.17
CA THR B 11 26.10 -4.50 -9.06
C THR B 11 26.60 -3.85 -7.77
N SER B 12 27.21 -2.67 -7.87
CA SER B 12 27.64 -1.92 -6.70
C SER B 12 26.43 -1.57 -5.82
N GLN B 13 25.25 -1.49 -6.45
CA GLN B 13 24.04 -1.00 -5.82
C GLN B 13 23.14 -2.16 -5.38
N TYR B 14 22.82 -3.06 -6.31
CA TYR B 14 21.67 -3.95 -6.17
C TYR B 14 21.96 -5.12 -5.23
N LEU B 15 23.12 -5.78 -5.38
CA LEU B 15 23.33 -7.09 -4.77
C LEU B 15 23.46 -6.96 -3.25
N LEU B 16 22.93 -7.96 -2.54
CA LEU B 16 23.02 -8.03 -1.08
C LEU B 16 22.74 -9.46 -0.61
N PRO B 23 19.78 -17.79 6.98
CA PRO B 23 19.40 -19.16 7.33
C PRO B 23 18.85 -19.27 8.75
N ALA B 24 18.61 -20.52 9.19
CA ALA B 24 18.11 -20.86 10.51
C ALA B 24 16.59 -20.66 10.57
N ASP B 25 16.14 -19.44 10.29
CA ASP B 25 14.72 -19.12 10.30
C ASP B 25 14.06 -19.65 9.01
N ALA B 26 14.86 -19.84 7.95
CA ALA B 26 14.35 -20.17 6.63
C ALA B 26 14.42 -21.69 6.41
N VAL B 27 13.26 -22.30 6.10
CA VAL B 27 13.14 -23.73 5.98
C VAL B 27 12.83 -24.13 4.54
N VAL B 28 11.85 -23.46 3.91
CA VAL B 28 11.46 -23.77 2.54
C VAL B 28 12.41 -23.06 1.58
N ILE B 29 12.55 -23.62 0.37
CA ILE B 29 13.59 -23.20 -0.56
C ILE B 29 13.38 -21.74 -0.96
N SER B 30 12.13 -21.35 -1.21
CA SER B 30 11.84 -20.01 -1.70
C SER B 30 12.29 -18.96 -0.67
N HIS B 31 12.10 -19.26 0.61
CA HIS B 31 12.50 -18.36 1.69
C HIS B 31 14.02 -18.23 1.70
N GLN B 32 14.71 -19.38 1.60
CA GLN B 32 16.16 -19.42 1.65
C GLN B 32 16.77 -18.64 0.49
N LEU B 33 16.23 -18.82 -0.73
CA LEU B 33 16.82 -18.25 -1.92
C LEU B 33 16.46 -16.77 -2.05
N LEU B 34 15.28 -16.37 -1.53
CA LEU B 34 14.89 -14.98 -1.56
C LEU B 34 15.80 -14.15 -0.65
N LEU B 35 16.22 -14.74 0.47
CA LEU B 35 17.17 -14.09 1.36
C LEU B 35 18.55 -14.04 0.70
N ARG B 36 19.06 -15.20 0.27
CA ARG B 36 20.40 -15.33 -0.26
C ARG B 36 20.58 -14.47 -1.53
N ALA B 37 19.52 -14.37 -2.34
CA ALA B 37 19.60 -13.67 -3.62
C ALA B 37 19.42 -12.16 -3.42
N GLY B 38 19.32 -11.71 -2.17
CA GLY B 38 19.19 -10.29 -1.87
C GLY B 38 17.90 -9.70 -2.43
N MET B 39 16.78 -10.41 -2.18
CA MET B 39 15.49 -10.04 -2.72
C MET B 39 14.60 -9.47 -1.62
N ILE B 40 14.67 -10.05 -0.40
CA ILE B 40 13.89 -9.57 0.72
C ILE B 40 14.74 -9.56 1.97
N ARG B 41 14.32 -8.77 2.97
CA ARG B 41 14.90 -8.83 4.31
C ARG B 41 13.79 -8.72 5.36
N ARG B 42 13.97 -9.48 6.43
CA ARG B 42 13.01 -9.56 7.52
C ARG B 42 13.11 -8.30 8.38
N LEU B 43 11.97 -7.69 8.69
CA LEU B 43 11.88 -6.61 9.65
C LEU B 43 11.47 -7.18 11.01
N ALA B 44 10.43 -8.03 10.97
CA ALA B 44 9.97 -8.76 12.14
C ALA B 44 9.18 -9.98 11.65
N SER B 45 8.44 -10.63 12.57
CA SER B 45 7.69 -11.83 12.26
C SER B 45 6.62 -11.50 11.22
N GLY B 46 6.77 -12.09 10.03
CA GLY B 46 5.81 -11.95 8.95
C GLY B 46 5.84 -10.58 8.27
N LEU B 47 6.94 -9.84 8.45
CA LEU B 47 7.09 -8.51 7.90
C LEU B 47 8.43 -8.43 7.16
N TYR B 48 8.37 -8.30 5.83
CA TYR B 48 9.54 -8.35 4.98
C TYR B 48 9.60 -7.12 4.09
N THR B 49 10.79 -6.50 4.02
CA THR B 49 11.08 -5.45 3.07
C THR B 49 11.45 -6.07 1.73
N TRP B 50 10.93 -5.51 0.63
CA TRP B 50 11.41 -5.84 -0.69
C TRP B 50 12.69 -5.04 -0.99
N LEU B 51 13.80 -5.76 -1.17
CA LEU B 51 15.05 -5.14 -1.60
C LEU B 51 14.97 -4.84 -3.10
N PRO B 52 15.84 -3.94 -3.63
CA PRO B 52 15.72 -3.45 -5.00
C PRO B 52 15.55 -4.53 -6.07
N MET B 53 16.27 -5.65 -5.91
CA MET B 53 16.24 -6.73 -6.87
C MET B 53 14.90 -7.46 -6.78
N GLY B 54 14.43 -7.67 -5.54
CA GLY B 54 13.18 -8.36 -5.29
C GLY B 54 11.98 -7.58 -5.80
N LEU B 55 12.03 -6.25 -5.66
CA LEU B 55 10.92 -5.41 -6.05
C LEU B 55 10.69 -5.49 -7.56
N ARG B 56 11.77 -5.61 -8.34
CA ARG B 56 11.66 -5.71 -9.79
C ARG B 56 10.78 -6.90 -10.16
N VAL B 57 10.97 -8.03 -9.47
CA VAL B 57 10.19 -9.23 -9.72
C VAL B 57 8.72 -8.98 -9.40
N LEU B 58 8.45 -8.44 -8.21
CA LEU B 58 7.10 -8.18 -7.74
C LEU B 58 6.34 -7.31 -8.74
N ARG B 59 7.02 -6.30 -9.29
CA ARG B 59 6.41 -5.35 -10.20
C ARG B 59 5.97 -6.05 -11.49
N LYS B 60 6.72 -7.06 -11.91
CA LYS B 60 6.43 -7.77 -13.14
C LYS B 60 5.18 -8.64 -12.96
N VAL B 61 5.04 -9.24 -11.77
CA VAL B 61 3.84 -9.97 -11.41
C VAL B 61 2.66 -9.01 -11.43
N GLU B 62 2.81 -7.88 -10.72
CA GLU B 62 1.76 -6.88 -10.57
C GLU B 62 1.26 -6.41 -11.94
N THR B 63 2.20 -6.14 -12.87
CA THR B 63 1.87 -5.61 -14.17
C THR B 63 0.96 -6.57 -14.94
N ILE B 64 1.36 -7.84 -14.97
CA ILE B 64 0.66 -8.86 -15.73
C ILE B 64 -0.74 -9.06 -15.16
N VAL B 65 -0.85 -9.06 -13.82
CA VAL B 65 -2.13 -9.18 -13.14
C VAL B 65 -3.03 -8.02 -13.56
N ARG B 66 -2.51 -6.80 -13.43
CA ARG B 66 -3.22 -5.58 -13.79
C ARG B 66 -3.69 -5.64 -15.24
N GLU B 67 -2.80 -6.08 -16.15
CA GLU B 67 -3.11 -6.15 -17.57
C GLU B 67 -4.32 -7.03 -17.84
N GLU B 68 -4.35 -8.23 -17.22
CA GLU B 68 -5.39 -9.21 -17.49
C GLU B 68 -6.69 -8.83 -16.78
N MET B 69 -6.59 -8.24 -15.58
CA MET B 69 -7.78 -7.76 -14.88
C MET B 69 -8.46 -6.68 -15.72
N ASN B 70 -7.64 -5.77 -16.27
CA ASN B 70 -8.13 -4.68 -17.11
C ASN B 70 -8.80 -5.23 -18.36
N ALA B 71 -8.20 -6.28 -18.95
CA ALA B 71 -8.73 -6.87 -20.18
C ALA B 71 -10.04 -7.60 -19.92
N ALA B 72 -10.31 -7.97 -18.66
CA ALA B 72 -11.55 -8.66 -18.32
C ALA B 72 -12.65 -7.67 -17.95
N GLY B 73 -12.36 -6.36 -18.04
CA GLY B 73 -13.36 -5.32 -17.82
C GLY B 73 -13.40 -4.80 -16.39
N ALA B 74 -12.46 -5.23 -15.54
CA ALA B 74 -12.44 -4.81 -14.14
C ALA B 74 -11.82 -3.42 -14.01
N LEU B 75 -12.35 -2.62 -13.06
CA LEU B 75 -11.90 -1.25 -12.85
C LEU B 75 -11.02 -1.19 -11.62
N GLU B 76 -9.79 -0.65 -11.75
CA GLU B 76 -8.87 -0.62 -10.63
C GLU B 76 -9.24 0.53 -9.68
N VAL B 77 -9.28 0.22 -8.39
CA VAL B 77 -9.44 1.20 -7.32
C VAL B 77 -8.27 1.02 -6.36
N LEU B 78 -8.22 1.87 -5.33
CA LEU B 78 -7.28 1.69 -4.22
C LEU B 78 -7.97 2.13 -2.93
N MET B 79 -8.32 1.13 -2.11
CA MET B 79 -9.09 1.35 -0.89
C MET B 79 -8.13 1.47 0.29
N PRO B 80 -8.53 2.11 1.42
CA PRO B 80 -7.65 2.24 2.58
C PRO B 80 -7.43 0.91 3.31
N ALA B 81 -6.29 0.84 4.01
CA ALA B 81 -5.94 -0.32 4.83
C ALA B 81 -6.65 -0.23 6.17
N VAL B 82 -6.66 0.97 6.76
CA VAL B 82 -7.31 1.20 8.05
C VAL B 82 -8.81 1.42 7.81
N GLN B 83 -9.63 0.61 8.48
CA GLN B 83 -11.06 0.52 8.20
C GLN B 83 -11.84 0.64 9.50
N PRO B 84 -12.95 1.42 9.53
CA PRO B 84 -13.75 1.59 10.74
C PRO B 84 -14.48 0.31 11.15
N ALA B 85 -14.46 0.03 12.46
CA ALA B 85 -15.01 -1.19 13.02
C ALA B 85 -16.51 -1.30 12.75
N GLU B 86 -17.18 -0.16 12.58
CA GLU B 86 -18.64 -0.14 12.43
C GLU B 86 -19.06 -0.90 11.18
N LEU B 87 -18.28 -0.81 10.09
CA LEU B 87 -18.55 -1.57 8.88
C LEU B 87 -18.43 -3.07 9.15
N TRP B 88 -17.42 -3.45 9.95
CA TRP B 88 -17.18 -4.85 10.25
C TRP B 88 -18.25 -5.39 11.21
N GLN B 89 -18.80 -4.50 12.06
CA GLN B 89 -19.89 -4.87 12.96
C GLN B 89 -21.17 -5.13 12.17
N GLU B 90 -21.34 -4.46 11.02
CA GLU B 90 -22.51 -4.67 10.17
C GLU B 90 -22.50 -6.08 9.59
N SER B 91 -21.34 -6.49 9.07
CA SER B 91 -21.17 -7.80 8.48
C SER B 91 -21.12 -8.88 9.57
N GLY B 92 -20.77 -8.47 10.78
CA GLY B 92 -20.59 -9.39 11.90
C GLY B 92 -19.17 -9.98 11.96
N ARG B 93 -18.28 -9.54 11.05
CA ARG B 93 -16.96 -10.13 10.94
C ARG B 93 -16.00 -9.48 11.94
N TRP B 94 -16.35 -8.30 12.46
CA TRP B 94 -15.60 -7.71 13.57
C TRP B 94 -15.31 -8.78 14.61
N GLU B 95 -16.34 -9.52 15.00
CA GLU B 95 -16.21 -10.61 15.97
C GLU B 95 -15.79 -11.90 15.25
N GLN B 96 -16.51 -12.23 14.17
CA GLN B 96 -16.49 -13.57 13.61
C GLN B 96 -15.18 -13.87 12.86
N TYR B 97 -14.47 -12.83 12.39
CA TYR B 97 -13.30 -13.05 11.55
C TYR B 97 -12.21 -13.75 12.36
N GLY B 98 -12.09 -13.40 13.65
CA GLY B 98 -11.19 -14.11 14.56
C GLY B 98 -9.88 -13.36 14.78
N PRO B 99 -8.90 -13.99 15.48
CA PRO B 99 -7.69 -13.30 15.94
C PRO B 99 -6.68 -12.90 14.87
N GLU B 100 -6.92 -13.27 13.60
CA GLU B 100 -6.09 -12.80 12.50
C GLU B 100 -6.41 -11.33 12.18
N LEU B 101 -7.58 -10.86 12.65
CA LEU B 101 -7.96 -9.47 12.46
C LEU B 101 -7.17 -8.60 13.45
N LEU B 102 -6.34 -7.71 12.92
CA LEU B 102 -5.57 -6.78 13.74
C LEU B 102 -6.44 -5.57 14.06
N ARG B 103 -6.87 -5.47 15.33
CA ARG B 103 -7.75 -4.41 15.79
C ARG B 103 -6.92 -3.34 16.49
N LEU B 104 -7.40 -2.09 16.46
CA LEU B 104 -6.67 -0.98 17.06
C LEU B 104 -7.63 0.16 17.39
N LYS B 105 -7.10 1.18 18.07
CA LYS B 105 -7.83 2.40 18.36
C LYS B 105 -7.00 3.61 17.92
N ASP B 106 -7.68 4.66 17.46
CA ASP B 106 -7.04 5.91 17.12
C ASP B 106 -6.99 6.80 18.36
N ARG B 107 -6.51 8.04 18.19
CA ARG B 107 -6.29 8.96 19.29
C ARG B 107 -7.62 9.44 19.89
N HIS B 108 -8.74 9.20 19.20
CA HIS B 108 -10.06 9.58 19.68
C HIS B 108 -10.82 8.39 20.23
N GLU B 109 -10.13 7.25 20.38
CA GLU B 109 -10.68 6.03 20.95
C GLU B 109 -11.68 5.36 20.00
N ARG B 110 -11.73 5.79 18.74
CA ARG B 110 -12.53 5.13 17.72
C ARG B 110 -11.80 3.86 17.30
N GLU B 111 -12.57 2.81 16.96
CA GLU B 111 -12.01 1.49 16.74
C GLU B 111 -11.88 1.21 15.25
N PHE B 112 -10.82 0.46 14.89
CA PHE B 112 -10.52 0.15 13.50
C PHE B 112 -9.86 -1.22 13.41
N CYS B 113 -9.75 -1.74 12.19
CA CYS B 113 -8.86 -2.84 11.89
C CYS B 113 -7.95 -2.45 10.73
N VAL B 114 -6.83 -3.16 10.57
CA VAL B 114 -6.04 -3.11 9.35
C VAL B 114 -6.58 -4.22 8.45
N GLY B 115 -6.86 -3.87 7.19
CA GLY B 115 -7.63 -4.73 6.29
C GLY B 115 -6.97 -6.08 6.03
N PRO B 116 -7.62 -7.21 6.42
CA PRO B 116 -7.21 -8.52 5.93
C PRO B 116 -7.80 -8.84 4.55
N THR B 117 -8.79 -8.04 4.17
CA THR B 117 -9.55 -8.14 2.92
C THR B 117 -10.54 -6.98 2.97
N HIS B 118 -11.38 -6.79 1.95
CA HIS B 118 -12.08 -5.52 1.77
C HIS B 118 -13.55 -5.67 1.38
N GLU B 119 -14.20 -6.78 1.71
CA GLU B 119 -15.60 -6.98 1.35
C GLU B 119 -16.47 -5.85 1.88
N GLU B 120 -16.28 -5.47 3.15
CA GLU B 120 -17.13 -4.47 3.77
C GLU B 120 -16.90 -3.10 3.12
N VAL B 121 -15.63 -2.74 2.88
CA VAL B 121 -15.32 -1.43 2.34
C VAL B 121 -15.94 -1.26 0.95
N ILE B 122 -15.81 -2.29 0.10
CA ILE B 122 -16.30 -2.19 -1.27
C ILE B 122 -17.84 -2.19 -1.27
N THR B 123 -18.45 -2.94 -0.33
CA THR B 123 -19.90 -2.99 -0.21
C THR B 123 -20.42 -1.61 0.20
N ASP B 124 -19.72 -0.96 1.14
CA ASP B 124 -20.07 0.39 1.57
C ASP B 124 -19.96 1.35 0.39
N LEU B 125 -18.92 1.18 -0.43
CA LEU B 125 -18.72 1.99 -1.63
C LEU B 125 -19.87 1.74 -2.61
N ALA B 126 -20.24 0.47 -2.78
CA ALA B 126 -21.22 0.06 -3.77
C ALA B 126 -22.59 0.68 -3.49
N ARG B 127 -23.00 0.68 -2.22
CA ARG B 127 -24.34 1.12 -1.85
C ARG B 127 -24.46 2.65 -1.96
N ASN B 128 -23.31 3.34 -2.04
CA ASN B 128 -23.30 4.79 -2.22
C ASN B 128 -23.11 5.16 -3.69
N GLU B 129 -22.49 4.26 -4.50
CA GLU B 129 -22.13 4.60 -5.87
C GLU B 129 -23.00 3.87 -6.89
N LEU B 130 -23.62 2.74 -6.53
CA LEU B 130 -24.44 1.98 -7.45
C LEU B 130 -25.92 2.21 -7.14
N ASN B 131 -26.60 2.97 -8.01
CA ASN B 131 -28.02 3.27 -7.82
C ASN B 131 -28.77 3.19 -9.15
N SER B 132 -28.28 2.38 -10.08
CA SER B 132 -28.96 2.13 -11.35
C SER B 132 -28.54 0.79 -11.92
N TYR B 133 -29.52 0.06 -12.47
CA TYR B 133 -29.28 -1.24 -13.08
C TYR B 133 -28.35 -1.10 -14.29
N LYS B 134 -28.26 0.12 -14.83
CA LYS B 134 -27.47 0.41 -16.01
C LYS B 134 -25.97 0.40 -15.70
N GLN B 135 -25.62 0.46 -14.41
CA GLN B 135 -24.23 0.45 -13.99
C GLN B 135 -23.71 -0.99 -13.88
N LEU B 136 -24.64 -1.96 -13.95
CA LEU B 136 -24.33 -3.35 -13.64
C LEU B 136 -24.32 -4.18 -14.93
N PRO B 137 -23.53 -5.28 -15.00
CA PRO B 137 -22.59 -5.66 -13.94
C PRO B 137 -21.33 -4.79 -13.90
N ILE B 138 -20.68 -4.77 -12.74
CA ILE B 138 -19.47 -3.99 -12.55
C ILE B 138 -18.52 -4.76 -11.63
N ASN B 139 -17.21 -4.63 -11.89
CA ASN B 139 -16.18 -5.37 -11.19
C ASN B 139 -15.04 -4.43 -10.80
N PHE B 140 -14.83 -4.25 -9.49
CA PHE B 140 -13.75 -3.43 -8.95
C PHE B 140 -12.63 -4.32 -8.43
N TYR B 141 -11.37 -3.87 -8.57
CA TYR B 141 -10.25 -4.60 -8.02
C TYR B 141 -9.15 -3.63 -7.58
N GLN B 142 -8.26 -4.13 -6.71
CA GLN B 142 -7.09 -3.39 -6.27
C GLN B 142 -5.93 -4.36 -6.10
N ILE B 143 -4.72 -3.78 -6.11
CA ILE B 143 -3.50 -4.49 -5.70
C ILE B 143 -2.96 -3.73 -4.50
N GLN B 144 -3.18 -4.27 -3.29
CA GLN B 144 -3.06 -3.49 -2.07
C GLN B 144 -2.58 -4.37 -0.93
N THR B 145 -1.89 -3.74 0.02
CA THR B 145 -1.22 -4.44 1.11
C THR B 145 -2.23 -4.79 2.19
N LYS B 146 -2.34 -6.09 2.48
CA LYS B 146 -3.22 -6.63 3.50
C LYS B 146 -2.42 -6.92 4.76
N PHE B 147 -3.13 -7.05 5.89
CA PHE B 147 -2.54 -7.57 7.11
C PHE B 147 -3.44 -8.68 7.66
N ARG B 148 -2.80 -9.81 7.99
CA ARG B 148 -3.45 -10.90 8.71
C ARG B 148 -2.49 -11.42 9.76
N ASP B 149 -2.95 -11.46 11.00
CA ASP B 149 -2.10 -11.80 12.13
C ASP B 149 -2.01 -13.33 12.22
N GLU B 150 -1.38 -13.93 11.19
CA GLU B 150 -1.05 -15.34 11.20
C GLU B 150 -0.41 -15.69 12.54
N ILE B 151 -0.92 -16.73 13.21
CA ILE B 151 -0.51 -17.02 14.58
C ILE B 151 0.99 -17.34 14.62
N ARG B 152 1.48 -18.10 13.62
CA ARG B 152 2.87 -18.45 13.53
C ARG B 152 3.38 -18.11 12.13
N PRO B 153 3.76 -16.85 11.85
CA PRO B 153 4.31 -16.48 10.55
C PRO B 153 5.52 -17.33 10.23
N ARG B 154 5.56 -17.87 8.99
CA ARG B 154 6.61 -18.78 8.59
C ARG B 154 6.64 -18.90 7.07
N PHE B 155 7.63 -19.66 6.56
CA PHE B 155 7.78 -19.96 5.14
C PHE B 155 7.98 -18.68 4.33
N GLY B 156 8.70 -17.71 4.91
CA GLY B 156 9.01 -16.46 4.24
C GLY B 156 7.75 -15.69 3.84
N LEU B 157 7.54 -15.54 2.52
CA LEU B 157 6.42 -14.78 1.98
C LEU B 157 5.13 -15.60 1.99
N MET B 158 5.24 -16.91 2.23
CA MET B 158 4.12 -17.82 2.02
C MET B 158 3.07 -17.62 3.11
N ARG B 159 3.51 -17.46 4.36
CA ARG B 159 2.63 -17.17 5.48
C ARG B 159 3.14 -15.94 6.22
N GLY B 160 3.14 -14.80 5.51
CA GLY B 160 3.47 -13.53 6.12
C GLY B 160 2.29 -13.00 6.93
N ARG B 161 2.47 -11.82 7.52
CA ARG B 161 1.37 -11.09 8.14
C ARG B 161 0.97 -9.95 7.22
N GLU B 162 1.96 -9.19 6.75
CA GLU B 162 1.73 -8.17 5.74
C GLU B 162 2.11 -8.75 4.38
N PHE B 163 1.17 -8.71 3.44
CA PHE B 163 1.36 -9.30 2.13
C PHE B 163 0.51 -8.54 1.10
N ILE B 164 0.83 -8.75 -0.17
CA ILE B 164 0.14 -8.07 -1.26
C ILE B 164 -0.85 -9.02 -1.92
N MET B 165 -2.09 -8.55 -2.04
CA MET B 165 -3.16 -9.32 -2.64
C MET B 165 -3.79 -8.46 -3.74
N LYS B 166 -4.12 -9.10 -4.86
CA LYS B 166 -5.08 -8.55 -5.81
C LYS B 166 -6.46 -9.04 -5.38
N ASP B 167 -7.33 -8.11 -4.97
CA ASP B 167 -8.70 -8.48 -4.60
C ASP B 167 -9.68 -7.76 -5.51
N ALA B 168 -10.57 -8.53 -6.13
CA ALA B 168 -11.62 -8.02 -7.00
C ALA B 168 -12.98 -8.36 -6.40
N TYR B 169 -13.97 -7.50 -6.67
CA TYR B 169 -15.33 -7.67 -6.18
C TYR B 169 -16.31 -7.24 -7.27
N SER B 170 -17.25 -8.13 -7.62
CA SER B 170 -18.19 -7.89 -8.71
C SER B 170 -19.62 -7.92 -8.20
N PHE B 171 -20.46 -7.03 -8.75
CA PHE B 171 -21.82 -6.82 -8.29
C PHE B 171 -22.79 -7.08 -9.43
N HIS B 172 -23.89 -7.78 -9.14
CA HIS B 172 -24.78 -8.30 -10.17
C HIS B 172 -26.24 -8.23 -9.71
N LEU B 173 -27.14 -8.26 -10.71
CA LEU B 173 -28.58 -8.24 -10.49
C LEU B 173 -29.16 -9.65 -10.52
N SER B 174 -28.41 -10.59 -11.11
CA SER B 174 -28.88 -11.96 -11.26
C SER B 174 -27.72 -12.94 -11.08
N GLN B 175 -28.06 -14.19 -10.74
CA GLN B 175 -27.09 -15.26 -10.58
C GLN B 175 -26.39 -15.55 -11.90
N ASP B 176 -27.12 -15.41 -13.02
CA ASP B 176 -26.55 -15.69 -14.33
C ASP B 176 -25.51 -14.63 -14.69
N SER B 177 -25.76 -13.37 -14.30
CA SER B 177 -24.81 -12.29 -14.51
C SER B 177 -23.53 -12.50 -13.72
N LEU B 178 -23.65 -13.04 -12.49
CA LEU B 178 -22.48 -13.37 -11.69
C LEU B 178 -21.67 -14.46 -12.37
N GLN B 179 -22.35 -15.49 -12.89
CA GLN B 179 -21.68 -16.64 -13.46
C GLN B 179 -20.79 -16.20 -14.62
N GLN B 180 -21.29 -15.28 -15.46
CA GLN B 180 -20.54 -14.80 -16.62
C GLN B 180 -19.22 -14.16 -16.18
N THR B 181 -19.30 -13.23 -15.21
CA THR B 181 -18.12 -12.55 -14.70
C THR B 181 -17.20 -13.54 -14.01
N TYR B 182 -17.79 -14.44 -13.20
CA TYR B 182 -17.02 -15.45 -12.48
C TYR B 182 -16.20 -16.27 -13.47
N ASP B 183 -16.84 -16.67 -14.58
CA ASP B 183 -16.18 -17.44 -15.63
C ASP B 183 -15.04 -16.61 -16.23
N GLY B 184 -15.31 -15.35 -16.54
CA GLY B 184 -14.33 -14.44 -17.12
C GLY B 184 -13.14 -14.22 -16.20
N MET B 185 -13.39 -14.19 -14.88
CA MET B 185 -12.33 -14.04 -13.90
C MET B 185 -11.48 -15.31 -13.88
N TYR B 186 -12.16 -16.47 -13.87
CA TYR B 186 -11.51 -17.77 -13.93
C TYR B 186 -10.60 -17.84 -15.16
N GLN B 187 -11.10 -17.35 -16.31
CA GLN B 187 -10.34 -17.36 -17.55
C GLN B 187 -9.15 -16.40 -17.44
N ALA B 188 -9.34 -15.26 -16.76
CA ALA B 188 -8.29 -14.27 -16.59
C ALA B 188 -7.17 -14.81 -15.70
N TYR B 189 -7.55 -15.55 -14.65
CA TYR B 189 -6.58 -16.20 -13.78
C TYR B 189 -5.72 -17.15 -14.60
N SER B 190 -6.34 -17.92 -15.50
CA SER B 190 -5.61 -18.88 -16.33
C SER B 190 -4.55 -18.18 -17.16
N LYS B 191 -4.91 -17.06 -17.78
CA LYS B 191 -4.00 -16.29 -18.60
C LYS B 191 -2.85 -15.76 -17.73
N ILE B 192 -3.20 -15.10 -16.62
CA ILE B 192 -2.22 -14.57 -15.69
C ILE B 192 -1.15 -15.62 -15.40
N PHE B 193 -1.58 -16.77 -14.89
CA PHE B 193 -0.65 -17.77 -14.40
C PHE B 193 0.09 -18.45 -15.55
N SER B 194 -0.54 -18.50 -16.74
CA SER B 194 0.12 -18.96 -17.95
C SER B 194 1.29 -18.04 -18.32
N ARG B 195 1.01 -16.73 -18.31
CA ARG B 195 1.99 -15.71 -18.70
C ARG B 195 3.13 -15.61 -17.69
N LEU B 196 2.84 -15.90 -16.42
CA LEU B 196 3.87 -15.93 -15.39
C LEU B 196 4.72 -17.20 -15.54
N GLY B 197 4.35 -18.06 -16.49
CA GLY B 197 5.16 -19.23 -16.84
C GLY B 197 5.15 -20.30 -15.77
N LEU B 198 4.06 -20.38 -15.00
CA LEU B 198 3.93 -21.33 -13.91
C LEU B 198 3.19 -22.57 -14.38
N ASP B 199 3.57 -23.73 -13.84
CA ASP B 199 2.82 -24.96 -14.00
C ASP B 199 1.73 -24.99 -12.92
N PHE B 200 0.49 -24.72 -13.34
CA PHE B 200 -0.60 -24.49 -12.40
C PHE B 200 -1.82 -25.28 -12.83
N ARG B 201 -2.79 -25.40 -11.91
CA ARG B 201 -4.07 -26.03 -12.19
C ARG B 201 -5.19 -25.29 -11.46
N PRO B 202 -6.35 -25.04 -12.11
CA PRO B 202 -7.57 -24.65 -11.41
C PRO B 202 -8.30 -25.88 -10.90
N VAL B 203 -8.93 -25.76 -9.72
CA VAL B 203 -9.58 -26.89 -9.07
C VAL B 203 -10.89 -26.40 -8.44
N GLN B 204 -11.86 -27.32 -8.30
CA GLN B 204 -13.06 -27.05 -7.53
C GLN B 204 -12.68 -26.91 -6.06
N ALA B 205 -13.42 -26.04 -5.34
CA ALA B 205 -13.15 -25.78 -3.93
C ALA B 205 -14.47 -25.74 -3.15
N ASP B 206 -14.33 -25.69 -1.83
CA ASP B 206 -15.44 -25.73 -0.89
C ASP B 206 -16.22 -24.42 -0.94
N ASN B 207 -17.54 -24.53 -1.19
CA ASN B 207 -18.43 -23.38 -1.18
C ASN B 207 -19.38 -23.45 0.03
N GLY B 208 -19.16 -24.44 0.91
CA GLY B 208 -19.92 -24.55 2.15
C GLY B 208 -21.23 -25.32 1.98
N SER B 209 -21.33 -26.09 0.89
CA SER B 209 -22.49 -26.93 0.64
C SER B 209 -22.07 -28.22 -0.05
N ILE B 210 -22.94 -29.24 0.02
CA ILE B 210 -22.74 -30.48 -0.70
C ILE B 210 -23.15 -30.25 -2.15
N GLY B 211 -22.16 -30.35 -3.06
CA GLY B 211 -22.39 -30.04 -4.46
C GLY B 211 -22.36 -28.54 -4.73
N GLY B 212 -22.41 -28.17 -6.01
CA GLY B 212 -22.25 -26.78 -6.43
C GLY B 212 -20.81 -26.50 -6.88
N SER B 213 -20.65 -25.40 -7.60
CA SER B 213 -19.36 -24.99 -8.16
C SER B 213 -19.14 -23.50 -7.91
N GLY B 214 -19.40 -23.07 -6.67
CA GLY B 214 -19.37 -21.66 -6.30
C GLY B 214 -17.99 -21.18 -5.82
N SER B 215 -16.98 -22.06 -5.87
CA SER B 215 -15.63 -21.66 -5.51
C SER B 215 -14.60 -22.45 -6.29
N HIS B 216 -13.54 -21.77 -6.75
CA HIS B 216 -12.41 -22.42 -7.38
C HIS B 216 -11.10 -21.88 -6.83
N GLU B 217 -10.10 -22.75 -6.75
CA GLU B 217 -8.75 -22.39 -6.35
C GLU B 217 -7.82 -22.55 -7.55
N PHE B 218 -6.67 -21.86 -7.49
CA PHE B 218 -5.60 -22.02 -8.47
C PHE B 218 -4.32 -22.35 -7.72
N HIS B 219 -3.62 -23.41 -8.15
CA HIS B 219 -2.47 -23.93 -7.43
C HIS B 219 -1.24 -23.98 -8.32
N VAL B 220 -0.12 -23.50 -7.78
CA VAL B 220 1.19 -23.80 -8.33
C VAL B 220 1.59 -25.19 -7.85
N LEU B 221 1.84 -26.10 -8.80
CA LEU B 221 2.23 -27.47 -8.49
C LEU B 221 3.66 -27.48 -7.97
N ALA B 222 3.82 -27.80 -6.67
CA ALA B 222 5.13 -27.90 -6.05
C ALA B 222 5.07 -28.90 -4.91
N ASN B 223 6.20 -29.58 -4.67
CA ASN B 223 6.23 -30.69 -3.73
C ASN B 223 6.15 -30.17 -2.29
N SER B 224 6.28 -28.85 -2.11
CA SER B 224 6.20 -28.22 -0.80
C SER B 224 4.78 -27.75 -0.48
N GLY B 225 3.86 -27.88 -1.45
CA GLY B 225 2.50 -27.39 -1.29
C GLY B 225 1.82 -27.92 -0.03
N GLU B 226 1.04 -27.07 0.63
CA GLU B 226 0.34 -27.41 1.85
C GLU B 226 -1.03 -28.02 1.55
N ASP B 227 -1.56 -27.78 0.35
CA ASP B 227 -2.84 -28.36 -0.06
C ASP B 227 -2.60 -29.64 -0.84
N ASP B 228 -3.51 -30.60 -0.66
CA ASP B 228 -3.61 -31.78 -1.50
C ASP B 228 -4.71 -31.53 -2.52
N ILE B 229 -4.38 -31.72 -3.80
CA ILE B 229 -5.31 -31.46 -4.90
C ILE B 229 -5.46 -32.75 -5.71
N VAL B 230 -6.67 -32.97 -6.24
CA VAL B 230 -7.05 -34.27 -6.78
C VAL B 230 -7.47 -34.11 -8.24
N PHE B 231 -6.95 -34.98 -9.10
CA PHE B 231 -7.24 -34.96 -10.53
C PHE B 231 -7.60 -36.37 -11.00
N SER B 232 -8.57 -36.43 -11.92
CA SER B 232 -8.81 -37.64 -12.70
C SER B 232 -7.78 -37.74 -13.81
N ASP B 233 -7.26 -38.95 -14.04
CA ASP B 233 -6.29 -39.19 -15.09
C ASP B 233 -6.98 -39.33 -16.45
N SER B 234 -8.32 -39.32 -16.48
CA SER B 234 -9.07 -39.57 -17.72
C SER B 234 -10.14 -38.51 -17.98
N SER B 235 -10.24 -37.48 -17.15
CA SER B 235 -11.26 -36.44 -17.34
C SER B 235 -10.76 -35.10 -16.83
N ASP B 236 -11.61 -34.08 -16.96
CA ASP B 236 -11.30 -32.71 -16.55
C ASP B 236 -11.56 -32.52 -15.06
N TYR B 237 -11.92 -33.60 -14.34
CA TYR B 237 -12.24 -33.51 -12.93
C TYR B 237 -11.00 -33.07 -12.15
N ALA B 238 -11.17 -32.03 -11.34
CA ALA B 238 -10.11 -31.47 -10.53
C ALA B 238 -10.72 -30.80 -9.31
N ALA B 239 -10.19 -31.11 -8.11
CA ALA B 239 -10.72 -30.53 -6.89
C ALA B 239 -9.67 -30.62 -5.77
N ASN B 240 -9.73 -29.64 -4.87
CA ASN B 240 -9.09 -29.73 -3.57
C ASN B 240 -9.65 -30.96 -2.86
N ILE B 241 -8.78 -31.69 -2.14
CA ILE B 241 -9.19 -32.90 -1.44
C ILE B 241 -10.37 -32.60 -0.51
N GLU B 242 -10.47 -31.35 -0.04
CA GLU B 242 -11.58 -30.90 0.79
C GLU B 242 -12.91 -31.07 0.06
N LYS B 243 -12.89 -30.81 -1.25
CA LYS B 243 -14.08 -30.74 -2.09
C LYS B 243 -14.27 -32.04 -2.86
N ALA B 244 -13.18 -32.79 -3.06
CA ALA B 244 -13.18 -33.95 -3.95
C ALA B 244 -14.16 -35.01 -3.46
N GLU B 245 -15.16 -35.32 -4.31
CA GLU B 245 -16.17 -36.31 -3.99
C GLU B 245 -15.56 -37.71 -4.01
N ALA B 246 -15.94 -38.53 -3.03
CA ALA B 246 -15.46 -39.90 -2.95
C ALA B 246 -16.62 -40.87 -3.24
N VAL B 247 -16.33 -41.87 -4.06
CA VAL B 247 -17.25 -42.97 -4.31
C VAL B 247 -16.51 -44.28 -4.03
N PRO B 248 -17.21 -45.35 -3.60
CA PRO B 248 -16.53 -46.59 -3.20
C PRO B 248 -15.85 -47.32 -4.35
N ARG B 249 -14.83 -48.11 -4.01
CA ARG B 249 -14.15 -48.97 -4.98
C ARG B 249 -14.96 -50.25 -5.21
N GLU B 250 -15.83 -50.58 -4.26
CA GLU B 250 -16.63 -51.79 -4.32
C GLU B 250 -17.98 -51.46 -4.93
N SER B 251 -18.56 -52.45 -5.63
CA SER B 251 -19.80 -52.27 -6.37
C SER B 251 -21.01 -52.79 -5.59
N ALA B 252 -20.77 -53.74 -4.67
CA ALA B 252 -21.84 -54.35 -3.90
C ALA B 252 -21.38 -54.70 -2.48
N ARG B 253 -22.34 -54.80 -1.57
CA ARG B 253 -22.08 -55.25 -0.21
C ARG B 253 -21.91 -56.78 -0.20
N GLY B 254 -20.86 -57.25 0.49
CA GLY B 254 -20.63 -58.67 0.64
C GLY B 254 -21.68 -59.33 1.55
N SER B 255 -21.89 -60.63 1.33
CA SER B 255 -22.89 -61.39 2.08
C SER B 255 -22.31 -61.76 3.44
N ALA B 256 -23.19 -61.98 4.43
CA ALA B 256 -22.78 -62.28 5.80
C ALA B 256 -22.22 -63.70 5.89
N THR B 257 -21.00 -63.82 6.43
CA THR B 257 -20.34 -65.12 6.58
C THR B 257 -19.97 -65.38 8.04
N GLU B 258 -20.27 -64.44 8.94
CA GLU B 258 -19.97 -64.58 10.36
C GLU B 258 -21.14 -64.09 11.19
N ASP B 259 -21.28 -64.63 12.40
CA ASP B 259 -22.24 -64.13 13.36
C ASP B 259 -21.55 -63.06 14.21
N MET B 260 -22.35 -62.10 14.69
CA MET B 260 -21.82 -61.02 15.51
C MET B 260 -21.61 -61.54 16.93
N ARG B 261 -20.45 -61.20 17.52
CA ARG B 261 -20.13 -61.58 18.88
C ARG B 261 -19.41 -60.45 19.58
N LEU B 262 -19.61 -60.36 20.90
CA LEU B 262 -19.00 -59.34 21.74
C LEU B 262 -17.69 -59.89 22.31
N VAL B 263 -16.60 -59.13 22.13
CA VAL B 263 -15.27 -59.59 22.46
C VAL B 263 -14.60 -58.57 23.37
N ASP B 264 -13.83 -59.08 24.34
CA ASP B 264 -13.09 -58.22 25.27
C ASP B 264 -11.85 -57.69 24.56
N THR B 265 -11.72 -56.36 24.51
CA THR B 265 -10.65 -55.68 23.79
C THR B 265 -10.01 -54.63 24.70
N PRO B 266 -9.22 -55.03 25.73
CA PRO B 266 -8.47 -54.08 26.54
C PRO B 266 -7.25 -53.51 25.81
N ASN B 267 -6.88 -52.28 26.16
CA ASN B 267 -5.77 -51.58 25.50
C ASN B 267 -5.97 -51.64 23.98
N THR B 268 -7.18 -51.27 23.54
CA THR B 268 -7.51 -51.28 22.12
C THR B 268 -8.35 -50.03 21.82
N LYS B 269 -7.66 -48.91 21.59
CA LYS B 269 -8.31 -47.62 21.39
C LYS B 269 -7.85 -46.99 20.07
N THR B 270 -7.22 -47.78 19.20
CA THR B 270 -6.82 -47.33 17.87
C THR B 270 -7.08 -48.45 16.87
N ILE B 271 -7.19 -48.06 15.58
CA ILE B 271 -7.37 -49.00 14.50
C ILE B 271 -6.17 -49.94 14.44
N ALA B 272 -4.97 -49.40 14.65
CA ALA B 272 -3.75 -50.17 14.58
C ALA B 272 -3.78 -51.29 15.63
N ALA B 273 -4.24 -50.96 16.84
CA ALA B 273 -4.35 -51.94 17.92
C ALA B 273 -5.35 -53.02 17.55
N LEU B 274 -6.42 -52.64 16.85
CA LEU B 274 -7.48 -53.57 16.48
C LEU B 274 -7.01 -54.46 15.34
N VAL B 275 -6.31 -53.88 14.37
CA VAL B 275 -5.81 -54.61 13.21
C VAL B 275 -4.77 -55.64 13.66
N ASP B 276 -3.75 -55.18 14.39
CA ASP B 276 -2.62 -56.02 14.76
C ASP B 276 -3.01 -56.95 15.91
N GLY B 277 -3.82 -56.44 16.84
CA GLY B 277 -4.25 -57.19 18.01
C GLY B 277 -5.04 -58.45 17.64
N PHE B 278 -6.06 -58.29 16.80
CA PHE B 278 -7.01 -59.35 16.52
C PHE B 278 -6.93 -59.79 15.06
N GLN B 279 -5.82 -59.41 14.39
CA GLN B 279 -5.50 -59.90 13.06
C GLN B 279 -6.68 -59.69 12.12
N LEU B 280 -7.28 -58.50 12.18
CA LEU B 280 -8.32 -58.08 11.26
C LEU B 280 -7.67 -57.37 10.08
N PRO B 281 -8.20 -57.51 8.85
CA PRO B 281 -7.89 -56.55 7.79
C PRO B 281 -8.41 -55.17 8.18
N ILE B 282 -7.70 -54.13 7.75
CA ILE B 282 -8.08 -52.75 8.05
C ILE B 282 -9.41 -52.40 7.35
N GLU B 283 -9.70 -53.09 6.24
CA GLU B 283 -10.92 -52.86 5.48
C GLU B 283 -12.13 -53.44 6.22
N LYS B 284 -11.90 -54.10 7.37
CA LYS B 284 -12.96 -54.70 8.17
C LYS B 284 -13.13 -53.95 9.49
N THR B 285 -12.59 -52.73 9.59
CA THR B 285 -12.70 -51.93 10.80
C THR B 285 -13.33 -50.58 10.45
N ILE B 286 -13.91 -49.94 11.47
CA ILE B 286 -14.51 -48.62 11.32
C ILE B 286 -14.08 -47.73 12.48
N LYS B 287 -13.95 -46.42 12.21
CA LYS B 287 -13.78 -45.42 13.25
C LYS B 287 -15.12 -44.71 13.42
N THR B 288 -15.43 -44.34 14.67
CA THR B 288 -16.58 -43.53 14.98
C THR B 288 -16.09 -42.24 15.64
N LEU B 289 -16.35 -41.11 14.98
CA LEU B 289 -16.06 -39.79 15.53
C LEU B 289 -17.38 -39.11 15.89
N VAL B 290 -17.45 -38.56 17.11
CA VAL B 290 -18.66 -37.91 17.61
C VAL B 290 -18.47 -36.40 17.57
N VAL B 291 -19.42 -35.72 16.93
CA VAL B 291 -19.38 -34.27 16.75
C VAL B 291 -20.70 -33.68 17.24
N HIS B 292 -20.73 -32.36 17.40
CA HIS B 292 -21.94 -31.67 17.81
C HIS B 292 -22.89 -31.57 16.62
N GLY B 293 -24.18 -31.76 16.89
CA GLY B 293 -25.22 -31.56 15.89
C GLY B 293 -25.63 -30.10 15.79
N ALA B 294 -26.35 -29.76 14.72
CA ALA B 294 -26.86 -28.42 14.50
C ALA B 294 -27.91 -28.08 15.55
N GLU B 295 -28.68 -29.09 15.99
CA GLU B 295 -29.68 -28.93 17.03
C GLU B 295 -28.98 -28.80 18.38
N GLU B 296 -29.37 -27.76 19.13
CA GLU B 296 -28.71 -27.39 20.38
C GLU B 296 -28.60 -28.59 21.31
N GLY B 297 -27.37 -28.95 21.67
CA GLY B 297 -27.09 -29.89 22.75
C GLY B 297 -27.17 -31.35 22.30
N THR B 298 -27.13 -31.60 20.99
CA THR B 298 -27.18 -32.95 20.46
C THR B 298 -25.80 -33.34 19.94
N LEU B 299 -25.63 -34.65 19.70
CA LEU B 299 -24.40 -35.20 19.14
C LEU B 299 -24.75 -36.02 17.91
N VAL B 300 -23.80 -36.12 16.97
CA VAL B 300 -23.92 -36.98 15.81
C VAL B 300 -22.67 -37.85 15.74
N ALA B 301 -22.84 -39.12 15.38
CA ALA B 301 -21.73 -40.03 15.14
C ALA B 301 -21.47 -40.12 13.65
N LEU B 302 -20.24 -39.79 13.25
CA LEU B 302 -19.80 -39.92 11.86
C LEU B 302 -18.85 -41.11 11.77
N ILE B 303 -19.07 -42.00 10.79
CA ILE B 303 -18.35 -43.25 10.71
C ILE B 303 -17.69 -43.38 9.34
N VAL B 304 -16.36 -43.58 9.35
CA VAL B 304 -15.59 -43.89 8.16
C VAL B 304 -14.92 -45.25 8.36
N ARG B 305 -14.40 -45.83 7.28
CA ARG B 305 -13.70 -47.08 7.35
C ARG B 305 -12.33 -46.85 8.00
N GLY B 306 -11.75 -47.91 8.57
CA GLY B 306 -10.56 -47.83 9.38
C GLY B 306 -9.35 -47.23 8.67
N ASP B 307 -9.24 -47.45 7.35
CA ASP B 307 -8.10 -46.98 6.57
C ASP B 307 -8.39 -45.61 5.94
N HIS B 308 -9.54 -45.01 6.27
CA HIS B 308 -9.95 -43.73 5.69
C HIS B 308 -9.88 -42.63 6.74
N GLU B 309 -9.89 -41.38 6.27
CA GLU B 309 -9.95 -40.20 7.13
C GLU B 309 -11.32 -39.55 7.00
N LEU B 310 -11.78 -38.92 8.08
CA LEU B 310 -12.96 -38.07 8.01
C LEU B 310 -12.58 -36.73 7.40
N ASN B 311 -13.33 -36.33 6.37
CA ASN B 311 -13.22 -35.01 5.77
C ASN B 311 -14.06 -34.05 6.60
N GLU B 312 -13.39 -33.07 7.25
CA GLU B 312 -14.05 -32.19 8.20
C GLU B 312 -14.92 -31.17 7.49
N ILE B 313 -14.63 -30.89 6.21
CA ILE B 313 -15.45 -29.99 5.41
C ILE B 313 -16.77 -30.70 5.10
N LYS B 314 -16.69 -31.97 4.68
CA LYS B 314 -17.86 -32.76 4.35
C LYS B 314 -18.71 -32.99 5.60
N ALA B 315 -18.04 -33.22 6.74
CA ALA B 315 -18.73 -33.43 8.00
C ALA B 315 -19.59 -32.22 8.35
N ALA B 316 -18.98 -31.03 8.33
CA ALA B 316 -19.65 -29.80 8.73
C ALA B 316 -20.79 -29.47 7.78
N ASN B 317 -20.60 -29.79 6.49
CA ASN B 317 -21.57 -29.45 5.46
C ASN B 317 -22.83 -30.31 5.61
N GLN B 318 -22.76 -31.42 6.36
CA GLN B 318 -23.97 -32.20 6.65
C GLN B 318 -24.96 -31.34 7.43
N PRO B 319 -26.23 -31.25 6.99
CA PRO B 319 -27.27 -30.52 7.72
C PRO B 319 -27.36 -30.80 9.22
N LEU B 320 -27.23 -32.08 9.57
CA LEU B 320 -27.39 -32.57 10.94
C LEU B 320 -26.25 -32.07 11.82
N VAL B 321 -25.08 -31.80 11.21
CA VAL B 321 -23.87 -31.49 11.94
C VAL B 321 -23.71 -29.98 12.05
N ALA B 322 -23.33 -29.52 13.26
CA ALA B 322 -23.06 -28.12 13.52
C ALA B 322 -21.88 -27.66 12.68
N SER B 323 -22.03 -26.48 12.07
CA SER B 323 -20.99 -25.87 11.27
C SER B 323 -20.65 -24.51 11.87
N PRO B 324 -19.38 -24.24 12.26
CA PRO B 324 -18.25 -25.14 12.01
C PRO B 324 -18.20 -26.36 12.93
N LEU B 325 -17.35 -27.32 12.57
CA LEU B 325 -17.31 -28.64 13.20
C LEU B 325 -16.73 -28.52 14.61
N VAL B 326 -17.46 -29.07 15.58
CA VAL B 326 -17.00 -29.22 16.95
C VAL B 326 -17.06 -30.69 17.31
N PHE B 327 -15.90 -31.24 17.73
CA PHE B 327 -15.83 -32.62 18.20
C PHE B 327 -16.34 -32.67 19.64
N ALA B 328 -17.05 -33.74 19.97
CA ALA B 328 -17.56 -33.93 21.31
C ALA B 328 -16.40 -34.16 22.27
N SER B 329 -16.53 -33.65 23.50
CA SER B 329 -15.58 -33.93 24.56
C SER B 329 -15.72 -35.38 24.99
N GLU B 330 -14.72 -35.87 25.74
CA GLU B 330 -14.77 -37.22 26.28
C GLU B 330 -15.92 -37.34 27.28
N ALA B 331 -16.15 -36.28 28.06
CA ALA B 331 -17.22 -36.29 29.04
C ALA B 331 -18.58 -36.32 28.35
N GLU B 332 -18.74 -35.54 27.28
CA GLU B 332 -19.97 -35.51 26.50
C GLU B 332 -20.27 -36.89 25.91
N ILE B 333 -19.22 -37.55 25.39
CA ILE B 333 -19.34 -38.84 24.75
C ILE B 333 -19.72 -39.90 25.80
N ARG B 334 -19.11 -39.81 26.99
CA ARG B 334 -19.33 -40.81 28.04
C ARG B 334 -20.74 -40.68 28.61
N ALA B 335 -21.21 -39.46 28.81
CA ALA B 335 -22.55 -39.22 29.33
C ALA B 335 -23.60 -39.70 28.32
N ALA B 336 -23.33 -39.48 27.02
CA ALA B 336 -24.30 -39.75 25.97
C ALA B 336 -24.39 -41.26 25.69
N ILE B 337 -23.24 -41.91 25.55
CA ILE B 337 -23.18 -43.26 25.00
C ILE B 337 -22.91 -44.28 26.10
N GLY B 338 -22.18 -43.87 27.15
CA GLY B 338 -21.86 -44.76 28.26
C GLY B 338 -20.53 -45.47 28.06
N ALA B 339 -19.72 -44.96 27.12
CA ALA B 339 -18.35 -45.42 26.92
C ALA B 339 -17.57 -44.33 26.21
N GLY B 340 -16.26 -44.51 26.10
CA GLY B 340 -15.38 -43.45 25.61
C GLY B 340 -14.75 -43.76 24.25
N PRO B 341 -14.00 -42.81 23.67
CA PRO B 341 -13.32 -43.03 22.40
C PRO B 341 -12.41 -44.26 22.47
N GLY B 342 -12.45 -45.07 21.42
CA GLY B 342 -11.75 -46.34 21.40
C GLY B 342 -12.71 -47.53 21.48
N SER B 343 -13.93 -47.29 22.00
CA SER B 343 -14.90 -48.36 22.20
C SER B 343 -16.28 -47.94 21.69
N LEU B 344 -16.32 -47.14 20.61
CA LEU B 344 -17.57 -46.59 20.09
C LEU B 344 -17.93 -47.27 18.78
N GLY B 345 -19.24 -47.31 18.47
CA GLY B 345 -19.70 -47.91 17.24
C GLY B 345 -21.20 -47.69 17.00
N PRO B 346 -21.77 -48.26 15.92
CA PRO B 346 -23.17 -48.03 15.57
C PRO B 346 -24.20 -48.93 16.26
N VAL B 347 -23.73 -50.01 16.91
CA VAL B 347 -24.62 -50.98 17.53
C VAL B 347 -25.01 -50.49 18.93
N ASN B 348 -26.33 -50.35 19.15
CA ASN B 348 -26.88 -49.82 20.39
C ASN B 348 -26.36 -48.40 20.62
N LEU B 349 -26.37 -47.59 19.56
CA LEU B 349 -25.92 -46.21 19.62
C LEU B 349 -27.12 -45.30 19.87
N PRO B 350 -27.18 -44.59 21.02
CA PRO B 350 -28.35 -43.78 21.36
C PRO B 350 -28.33 -42.35 20.81
N ILE B 351 -27.53 -42.12 19.76
CA ILE B 351 -27.49 -40.83 19.09
C ILE B 351 -27.54 -41.06 17.57
N ALA B 352 -27.78 -39.97 16.84
CA ALA B 352 -27.86 -40.01 15.39
C ALA B 352 -26.52 -40.43 14.79
N CYS B 353 -26.58 -41.07 13.63
CA CYS B 353 -25.41 -41.70 13.02
C CYS B 353 -25.46 -41.48 11.51
N ILE B 354 -24.30 -41.13 10.93
CA ILE B 354 -24.13 -41.11 9.49
C ILE B 354 -22.88 -41.91 9.15
N VAL B 355 -23.00 -42.78 8.14
CA VAL B 355 -21.89 -43.64 7.73
C VAL B 355 -21.46 -43.26 6.32
N ASP B 356 -20.18 -43.49 6.02
CA ASP B 356 -19.61 -43.19 4.71
C ASP B 356 -20.14 -44.20 3.70
N ARG B 357 -20.15 -43.79 2.41
CA ARG B 357 -20.59 -44.64 1.32
C ARG B 357 -19.90 -45.99 1.36
N SER B 358 -18.59 -46.00 1.66
CA SER B 358 -17.81 -47.22 1.69
C SER B 358 -18.21 -48.11 2.87
N VAL B 359 -18.56 -47.49 4.00
CA VAL B 359 -18.91 -48.23 5.20
C VAL B 359 -20.19 -49.03 4.95
N ALA B 360 -21.12 -48.44 4.18
CA ALA B 360 -22.42 -49.05 3.90
C ALA B 360 -22.29 -50.36 3.13
N LEU B 361 -21.18 -50.55 2.39
CA LEU B 361 -20.98 -51.75 1.61
C LEU B 361 -20.09 -52.76 2.34
N MET B 362 -19.77 -52.49 3.61
CA MET B 362 -18.88 -53.35 4.38
C MET B 362 -19.67 -54.53 4.95
N SER B 363 -18.95 -55.58 5.36
CA SER B 363 -19.55 -56.80 5.86
C SER B 363 -18.59 -57.54 6.79
N ASP B 364 -19.16 -58.22 7.80
CA ASP B 364 -18.41 -58.99 8.78
C ASP B 364 -17.34 -58.12 9.44
N PHE B 365 -17.74 -56.92 9.88
CA PHE B 365 -16.78 -55.91 10.30
C PHE B 365 -16.79 -55.76 11.82
N ALA B 366 -15.69 -55.22 12.34
CA ALA B 366 -15.50 -54.97 13.76
C ALA B 366 -15.84 -53.52 14.08
N ALA B 367 -16.24 -53.28 15.33
CA ALA B 367 -16.67 -51.96 15.77
C ALA B 367 -16.75 -51.95 17.29
N GLY B 368 -16.47 -50.79 17.90
CA GLY B 368 -16.63 -50.61 19.33
C GLY B 368 -18.07 -50.85 19.77
N ALA B 369 -18.23 -51.43 20.96
CA ALA B 369 -19.52 -51.96 21.39
C ALA B 369 -20.35 -50.92 22.14
N ASN B 370 -19.80 -49.73 22.34
CA ASN B 370 -20.38 -48.72 23.23
C ASN B 370 -20.42 -49.27 24.66
N ILE B 371 -19.46 -50.18 24.93
CA ILE B 371 -19.12 -50.62 26.27
C ILE B 371 -17.59 -50.55 26.36
N GLU B 372 -17.07 -50.04 27.47
CA GLU B 372 -15.65 -49.77 27.59
C GLU B 372 -14.85 -51.05 27.37
N ASP B 373 -13.79 -50.95 26.55
CA ASP B 373 -12.84 -52.02 26.32
C ASP B 373 -13.53 -53.24 25.71
N LYS B 374 -14.46 -53.01 24.78
CA LYS B 374 -15.15 -54.09 24.09
C LYS B 374 -15.43 -53.70 22.64
N HIS B 375 -15.44 -54.71 21.77
CA HIS B 375 -15.81 -54.56 20.38
C HIS B 375 -16.73 -55.71 19.95
N TYR B 376 -17.60 -55.43 18.99
CA TYR B 376 -18.32 -56.47 18.26
C TYR B 376 -17.49 -56.85 17.04
N PHE B 377 -17.34 -58.15 16.79
CA PHE B 377 -16.85 -58.66 15.52
C PHE B 377 -18.01 -59.35 14.81
N GLY B 378 -17.95 -59.40 13.47
CA GLY B 378 -18.93 -60.11 12.66
C GLY B 378 -20.22 -59.31 12.44
N VAL B 379 -20.13 -57.98 12.53
CA VAL B 379 -21.29 -57.11 12.37
C VAL B 379 -21.68 -57.09 10.89
N ASN B 380 -22.98 -57.21 10.63
CA ASN B 380 -23.52 -57.13 9.28
C ASN B 380 -24.76 -56.23 9.29
N TRP B 381 -24.85 -55.34 8.30
CA TRP B 381 -25.94 -54.39 8.22
C TRP B 381 -27.26 -55.13 7.99
N GLU B 382 -28.33 -54.57 8.57
CA GLU B 382 -29.70 -55.04 8.45
C GLU B 382 -29.94 -56.26 9.33
N ARG B 383 -29.07 -57.27 9.24
CA ARG B 383 -29.18 -58.44 10.12
C ARG B 383 -29.00 -58.04 11.58
N ASP B 384 -27.88 -57.37 11.90
CA ASP B 384 -27.53 -57.08 13.28
C ASP B 384 -28.06 -55.71 13.70
N LEU B 385 -28.12 -54.77 12.75
CA LEU B 385 -28.68 -53.46 13.01
C LEU B 385 -29.05 -52.81 11.68
N PRO B 386 -30.01 -51.86 11.66
CA PRO B 386 -30.38 -51.17 10.43
C PRO B 386 -29.27 -50.22 9.98
N LEU B 387 -29.10 -50.09 8.66
CA LEU B 387 -28.13 -49.17 8.11
C LEU B 387 -28.61 -47.73 8.35
N PRO B 388 -27.80 -46.86 8.99
CA PRO B 388 -28.15 -45.45 9.15
C PRO B 388 -28.01 -44.68 7.84
N GLU B 389 -28.27 -43.37 7.90
CA GLU B 389 -28.10 -42.48 6.75
C GLU B 389 -26.68 -42.64 6.21
N VAL B 390 -26.58 -42.61 4.88
CA VAL B 390 -25.31 -42.72 4.18
C VAL B 390 -24.97 -41.36 3.57
N ALA B 391 -23.68 -41.01 3.60
CA ALA B 391 -23.21 -39.78 2.99
C ALA B 391 -21.74 -39.93 2.60
N ASP B 392 -21.26 -38.95 1.83
CA ASP B 392 -19.85 -38.86 1.49
C ASP B 392 -19.15 -38.11 2.64
N LEU B 393 -18.35 -38.84 3.44
CA LEU B 393 -17.77 -38.29 4.64
C LEU B 393 -16.24 -38.34 4.62
N ARG B 394 -15.64 -39.07 3.68
CA ARG B 394 -14.21 -39.36 3.74
C ARG B 394 -13.44 -38.52 2.74
N ASN B 395 -12.11 -38.50 2.90
CA ASN B 395 -11.18 -38.00 1.90
C ASN B 395 -10.94 -39.10 0.87
N VAL B 396 -10.92 -38.71 -0.41
CA VAL B 396 -10.46 -39.59 -1.47
C VAL B 396 -9.02 -39.98 -1.17
N VAL B 397 -8.60 -41.14 -1.71
CA VAL B 397 -7.22 -41.57 -1.59
C VAL B 397 -6.68 -41.85 -3.00
N GLU B 398 -5.36 -41.96 -3.10
CA GLU B 398 -4.66 -42.17 -4.36
C GLU B 398 -5.17 -43.46 -4.99
N GLY B 399 -5.77 -43.34 -6.19
CA GLY B 399 -6.19 -44.48 -6.99
C GLY B 399 -7.70 -44.74 -6.93
N ASP B 400 -8.44 -43.91 -6.19
CA ASP B 400 -9.89 -44.06 -6.08
C ASP B 400 -10.54 -43.78 -7.43
N PRO B 401 -11.79 -44.23 -7.66
CA PRO B 401 -12.51 -43.92 -8.90
C PRO B 401 -12.89 -42.45 -9.00
N SER B 402 -12.81 -41.89 -10.21
CA SER B 402 -13.23 -40.51 -10.43
C SER B 402 -14.74 -40.39 -10.23
N PRO B 403 -15.22 -39.41 -9.45
CA PRO B 403 -16.64 -39.33 -9.10
C PRO B 403 -17.57 -39.07 -10.30
N ASP B 404 -16.98 -38.62 -11.42
CA ASP B 404 -17.75 -38.40 -12.65
C ASP B 404 -17.87 -39.72 -13.43
N GLY B 405 -17.11 -40.75 -13.00
CA GLY B 405 -17.20 -42.08 -13.56
C GLY B 405 -16.20 -42.31 -14.70
N LYS B 406 -15.18 -41.45 -14.78
CA LYS B 406 -14.23 -41.48 -15.88
C LYS B 406 -12.81 -41.44 -15.33
N GLY B 407 -12.22 -42.62 -15.10
CA GLY B 407 -10.82 -42.75 -14.74
C GLY B 407 -10.61 -42.95 -13.25
N THR B 408 -9.35 -42.82 -12.81
CA THR B 408 -8.99 -42.94 -11.41
C THR B 408 -8.24 -41.68 -10.96
N LEU B 409 -8.23 -41.43 -9.65
CA LEU B 409 -7.79 -40.17 -9.09
C LEU B 409 -6.30 -40.23 -8.76
N VAL B 410 -5.61 -39.10 -8.98
CA VAL B 410 -4.23 -38.90 -8.54
C VAL B 410 -4.21 -37.67 -7.62
N ILE B 411 -3.29 -37.68 -6.64
CA ILE B 411 -3.21 -36.63 -5.64
C ILE B 411 -1.84 -35.93 -5.75
N LYS B 412 -1.88 -34.63 -6.05
CA LYS B 412 -0.68 -33.80 -6.10
C LYS B 412 -0.75 -32.74 -5.00
N ARG B 413 0.40 -32.13 -4.70
CA ARG B 413 0.49 -31.03 -3.74
C ARG B 413 0.49 -29.69 -4.48
N GLY B 414 -0.23 -28.72 -3.91
CA GLY B 414 -0.42 -27.43 -4.54
C GLY B 414 -0.16 -26.27 -3.56
N ILE B 415 0.36 -25.17 -4.12
CA ILE B 415 0.49 -23.90 -3.42
C ILE B 415 -0.62 -23.00 -3.96
N GLU B 416 -1.62 -22.70 -3.12
CA GLU B 416 -2.73 -21.86 -3.56
C GLU B 416 -2.20 -20.45 -3.82
N VAL B 417 -2.44 -19.94 -5.03
CA VAL B 417 -2.04 -18.58 -5.39
C VAL B 417 -3.27 -17.77 -5.80
N GLY B 418 -4.41 -18.44 -5.98
CA GLY B 418 -5.65 -17.76 -6.36
C GLY B 418 -6.86 -18.46 -5.75
N HIS B 419 -7.94 -17.70 -5.53
CA HIS B 419 -9.15 -18.26 -4.97
C HIS B 419 -10.33 -17.34 -5.31
N ILE B 420 -11.34 -17.90 -5.95
CA ILE B 420 -12.52 -17.14 -6.38
C ILE B 420 -13.75 -17.72 -5.69
N PHE B 421 -14.77 -16.87 -5.49
CA PHE B 421 -15.94 -17.22 -4.70
C PHE B 421 -17.19 -16.58 -5.29
N GLN B 422 -18.32 -17.27 -5.11
CA GLN B 422 -19.65 -16.69 -5.30
C GLN B 422 -20.27 -16.48 -3.92
N LEU B 423 -20.61 -15.22 -3.61
CA LEU B 423 -20.97 -14.82 -2.26
C LEU B 423 -22.48 -14.74 -2.08
N GLY B 424 -23.24 -14.70 -3.18
CA GLY B 424 -24.68 -14.50 -3.10
C GLY B 424 -25.02 -13.12 -2.54
N THR B 425 -25.90 -13.09 -1.54
CA THR B 425 -26.34 -11.83 -0.94
C THR B 425 -25.88 -11.73 0.52
N LYS B 426 -24.87 -12.51 0.90
CA LYS B 426 -24.32 -12.50 2.25
C LYS B 426 -24.10 -11.06 2.71
N TYR B 427 -23.32 -10.30 1.93
CA TYR B 427 -22.92 -8.95 2.31
C TYR B 427 -24.02 -7.95 1.98
N SER B 428 -24.69 -8.13 0.83
CA SER B 428 -25.67 -7.15 0.37
C SER B 428 -26.90 -7.12 1.27
N GLU B 429 -27.25 -8.27 1.89
CA GLU B 429 -28.34 -8.32 2.85
C GLU B 429 -27.96 -7.58 4.14
N ALA B 430 -26.79 -7.92 4.68
CA ALA B 430 -26.38 -7.46 5.99
C ALA B 430 -26.09 -5.96 5.98
N MET B 431 -25.66 -5.43 4.83
CA MET B 431 -25.23 -4.04 4.74
C MET B 431 -26.17 -3.22 3.87
N LYS B 432 -27.31 -3.83 3.49
CA LYS B 432 -28.39 -3.15 2.77
C LYS B 432 -27.88 -2.51 1.49
N LEU B 433 -27.28 -3.34 0.62
CA LEU B 433 -26.89 -2.92 -0.72
C LEU B 433 -27.97 -3.38 -1.70
N SER B 434 -28.78 -2.43 -2.16
CA SER B 434 -29.94 -2.73 -2.99
C SER B 434 -29.99 -1.77 -4.18
N VAL B 435 -30.52 -2.27 -5.29
CA VAL B 435 -30.70 -1.48 -6.50
C VAL B 435 -32.04 -1.87 -7.13
N LEU B 436 -32.78 -0.88 -7.62
CA LEU B 436 -34.04 -1.12 -8.31
C LEU B 436 -33.76 -1.78 -9.66
N SER B 437 -34.51 -2.85 -9.96
CA SER B 437 -34.45 -3.49 -11.26
C SER B 437 -35.11 -2.58 -12.30
N GLU B 438 -35.03 -2.98 -13.57
CA GLU B 438 -35.71 -2.32 -14.67
C GLU B 438 -37.21 -2.22 -14.34
N GLN B 439 -37.74 -3.27 -13.70
CA GLN B 439 -39.16 -3.39 -13.41
C GLN B 439 -39.51 -2.60 -12.15
N GLY B 440 -38.50 -2.17 -11.39
CA GLY B 440 -38.72 -1.36 -10.20
C GLY B 440 -38.82 -2.20 -8.93
N LYS B 441 -38.38 -3.46 -9.01
CA LYS B 441 -38.31 -4.34 -7.85
C LYS B 441 -36.95 -4.17 -7.19
N PRO B 442 -36.88 -3.94 -5.85
CA PRO B 442 -35.61 -3.89 -5.14
C PRO B 442 -34.88 -5.24 -5.17
N VAL B 443 -33.58 -5.20 -5.49
CA VAL B 443 -32.78 -6.41 -5.65
C VAL B 443 -31.51 -6.27 -4.82
N ASN B 444 -31.34 -7.16 -3.82
CA ASN B 444 -30.08 -7.31 -3.11
C ASN B 444 -29.05 -7.82 -4.10
N LEU B 445 -27.96 -7.07 -4.28
CA LEU B 445 -27.00 -7.35 -5.34
C LEU B 445 -26.27 -8.66 -5.03
N ILE B 446 -26.19 -9.52 -6.04
CA ILE B 446 -25.45 -10.77 -5.95
C ILE B 446 -23.99 -10.49 -6.26
N MET B 447 -23.08 -11.06 -5.45
CA MET B 447 -21.70 -10.62 -5.43
C MET B 447 -20.76 -11.82 -5.61
N GLY B 448 -19.65 -11.56 -6.30
CA GLY B 448 -18.50 -12.44 -6.30
C GLY B 448 -17.25 -11.69 -5.85
N CYS B 449 -16.23 -12.42 -5.39
CA CYS B 449 -14.94 -11.83 -5.05
C CYS B 449 -13.82 -12.79 -5.45
N TYR B 450 -12.67 -12.21 -5.85
CA TYR B 450 -11.60 -12.94 -6.50
C TYR B 450 -10.27 -12.43 -5.97
N GLY B 451 -9.43 -13.35 -5.47
CA GLY B 451 -8.19 -12.98 -4.81
C GLY B 451 -6.97 -13.70 -5.38
N ILE B 452 -5.87 -12.97 -5.57
CA ILE B 452 -4.58 -13.56 -5.90
C ILE B 452 -3.56 -13.12 -4.86
N GLY B 453 -2.84 -14.10 -4.29
CA GLY B 453 -1.71 -13.83 -3.42
C GLY B 453 -0.48 -13.42 -4.22
N VAL B 454 -0.36 -12.11 -4.49
CA VAL B 454 0.65 -11.58 -5.38
C VAL B 454 2.04 -11.89 -4.85
N SER B 455 2.25 -11.66 -3.54
CA SER B 455 3.56 -11.89 -2.96
C SER B 455 3.84 -13.38 -2.80
N ARG B 456 2.77 -14.18 -2.62
CA ARG B 456 2.90 -15.64 -2.59
C ARG B 456 3.36 -16.16 -3.95
N VAL B 457 2.88 -15.53 -5.03
CA VAL B 457 3.22 -15.98 -6.37
C VAL B 457 4.74 -15.96 -6.55
N VAL B 458 5.40 -14.92 -6.05
CA VAL B 458 6.84 -14.74 -6.23
C VAL B 458 7.57 -15.92 -5.59
N ALA B 459 7.14 -16.30 -4.37
CA ALA B 459 7.76 -17.39 -3.64
C ALA B 459 7.45 -18.73 -4.32
N ALA B 460 6.21 -18.85 -4.82
CA ALA B 460 5.72 -20.09 -5.39
C ALA B 460 6.46 -20.41 -6.68
N ALA B 461 6.90 -19.38 -7.40
CA ALA B 461 7.68 -19.56 -8.62
C ALA B 461 8.99 -20.26 -8.32
N ILE B 462 9.61 -19.92 -7.18
CA ILE B 462 10.90 -20.46 -6.81
C ILE B 462 10.72 -21.90 -6.30
N GLU B 463 9.65 -22.12 -5.53
CA GLU B 463 9.33 -23.46 -5.02
C GLU B 463 9.27 -24.45 -6.19
N GLN B 464 8.71 -24.00 -7.32
CA GLN B 464 8.52 -24.83 -8.49
C GLN B 464 9.80 -24.87 -9.33
N ASN B 465 10.52 -23.74 -9.41
CA ASN B 465 11.62 -23.58 -10.35
C ASN B 465 12.89 -23.17 -9.63
N HIS B 466 13.75 -24.16 -9.32
CA HIS B 466 15.06 -23.91 -8.73
C HIS B 466 16.00 -25.05 -9.07
N ASP B 467 17.31 -24.84 -8.85
CA ASP B 467 18.31 -25.88 -8.98
C ASP B 467 19.41 -25.62 -7.95
N GLU B 468 20.51 -26.40 -8.02
CA GLU B 468 21.57 -26.33 -7.04
C GLU B 468 22.34 -25.01 -7.15
N ARG B 469 22.24 -24.33 -8.30
CA ARG B 469 22.93 -23.07 -8.51
C ARG B 469 22.07 -21.88 -8.06
N GLY B 470 20.77 -22.13 -7.81
CA GLY B 470 19.89 -21.12 -7.23
C GLY B 470 18.57 -20.98 -7.99
N ILE B 471 18.10 -19.73 -8.15
CA ILE B 471 16.77 -19.46 -8.66
C ILE B 471 16.76 -19.66 -10.17
N LEU B 472 15.68 -20.25 -10.67
CA LEU B 472 15.37 -20.31 -12.09
C LEU B 472 14.07 -19.56 -12.34
N TRP B 473 14.17 -18.30 -12.78
CA TRP B 473 12.99 -17.50 -13.03
C TRP B 473 12.31 -17.93 -14.33
N PRO B 474 10.97 -17.95 -14.37
CA PRO B 474 10.26 -17.87 -15.66
C PRO B 474 10.65 -16.53 -16.31
N SER B 475 10.64 -16.50 -17.65
CA SER B 475 11.19 -15.39 -18.39
C SER B 475 10.50 -14.06 -18.05
N ALA B 476 9.22 -14.12 -17.67
CA ALA B 476 8.44 -12.93 -17.36
C ALA B 476 8.79 -12.37 -15.97
N LEU B 477 9.45 -13.16 -15.12
CA LEU B 477 9.71 -12.76 -13.74
C LEU B 477 11.18 -12.40 -13.52
N ALA B 478 12.06 -12.70 -14.49
CA ALA B 478 13.48 -12.45 -14.32
C ALA B 478 13.70 -10.96 -14.08
N PRO B 479 14.39 -10.55 -12.98
CA PRO B 479 14.56 -9.14 -12.66
C PRO B 479 15.34 -8.38 -13.74
N PHE B 480 16.29 -9.08 -14.36
CA PHE B 480 17.00 -8.60 -15.52
C PHE B 480 17.07 -9.72 -16.56
N GLN B 481 17.22 -9.37 -17.83
CA GLN B 481 17.26 -10.33 -18.91
C GLN B 481 18.70 -10.79 -19.15
N ILE B 482 19.65 -9.84 -19.11
CA ILE B 482 21.04 -10.09 -19.44
C ILE B 482 21.91 -9.58 -18.29
N ALA B 483 22.96 -10.34 -17.96
CA ALA B 483 23.99 -9.89 -17.05
C ALA B 483 25.31 -9.72 -17.82
N LEU B 484 25.88 -8.52 -17.78
CA LEU B 484 27.20 -8.27 -18.33
C LEU B 484 28.26 -8.48 -17.25
N VAL B 485 29.18 -9.42 -17.50
CA VAL B 485 30.26 -9.72 -16.57
C VAL B 485 31.59 -9.37 -17.24
N PRO B 486 32.14 -8.16 -16.99
CA PRO B 486 33.46 -7.79 -17.52
C PRO B 486 34.56 -8.20 -16.55
N LEU B 487 35.63 -8.81 -17.08
CA LEU B 487 36.76 -9.21 -16.27
C LEU B 487 37.79 -8.08 -16.28
N LYS B 488 38.09 -7.55 -15.09
CA LYS B 488 38.99 -6.41 -14.91
C LYS B 488 38.45 -5.22 -15.71
N TYR B 489 37.18 -4.87 -15.44
CA TYR B 489 36.53 -3.70 -16.02
C TYR B 489 37.40 -2.45 -15.89
N GLU B 490 38.37 -2.48 -14.96
CA GLU B 490 39.31 -1.39 -14.74
C GLU B 490 40.09 -1.05 -16.00
N THR B 491 40.51 -2.07 -16.77
CA THR B 491 41.15 -1.83 -18.06
C THR B 491 40.15 -1.14 -18.99
N GLU B 492 40.62 -0.08 -19.66
CA GLU B 492 39.75 0.88 -20.31
C GLU B 492 39.22 0.35 -21.64
N SER B 493 39.94 -0.61 -22.25
CA SER B 493 39.50 -1.21 -23.50
C SER B 493 38.24 -2.05 -23.26
N VAL B 494 38.28 -2.84 -22.18
CA VAL B 494 37.13 -3.62 -21.72
C VAL B 494 36.01 -2.67 -21.30
N LYS B 495 36.37 -1.58 -20.62
CA LYS B 495 35.40 -0.65 -20.05
C LYS B 495 34.81 0.27 -21.11
N GLN B 496 35.17 0.05 -22.39
CA GLN B 496 34.55 0.75 -23.50
C GLN B 496 33.67 -0.21 -24.28
N ALA B 497 34.11 -1.47 -24.41
CA ALA B 497 33.32 -2.51 -25.05
C ALA B 497 32.09 -2.84 -24.22
N THR B 498 32.30 -3.00 -22.90
CA THR B 498 31.24 -3.29 -21.96
C THR B 498 30.16 -2.21 -22.02
N ASP B 499 30.58 -0.94 -21.91
CA ASP B 499 29.66 0.19 -21.82
C ASP B 499 28.96 0.40 -23.16
N LYS B 500 29.65 0.08 -24.26
CA LYS B 500 29.03 0.11 -25.58
C LYS B 500 27.93 -0.94 -25.62
N LEU B 501 28.24 -2.12 -25.09
CA LEU B 501 27.32 -3.24 -25.09
C LEU B 501 26.07 -2.87 -24.27
N TYR B 502 26.30 -2.34 -23.07
CA TYR B 502 25.23 -1.93 -22.18
C TYR B 502 24.31 -0.94 -22.92
N ALA B 503 24.92 0.07 -23.55
CA ALA B 503 24.17 1.11 -24.23
C ALA B 503 23.27 0.52 -25.31
N GLU B 504 23.85 -0.32 -26.17
CA GLU B 504 23.13 -0.90 -27.29
C GLU B 504 21.96 -1.75 -26.79
N LEU B 505 22.25 -2.65 -25.85
CA LEU B 505 21.25 -3.57 -25.33
C LEU B 505 20.11 -2.81 -24.65
N THR B 506 20.48 -1.79 -23.84
CA THR B 506 19.50 -0.98 -23.13
C THR B 506 18.67 -0.17 -24.13
N ALA B 507 19.31 0.27 -25.23
CA ALA B 507 18.65 1.02 -26.27
C ALA B 507 17.66 0.12 -27.03
N ALA B 508 18.02 -1.17 -27.17
CA ALA B 508 17.18 -2.14 -27.85
C ALA B 508 16.00 -2.58 -26.97
N GLY B 509 15.94 -2.04 -25.74
CA GLY B 509 14.79 -2.23 -24.87
C GLY B 509 14.94 -3.45 -23.97
N PHE B 510 16.17 -3.91 -23.77
CA PHE B 510 16.45 -5.04 -22.89
C PHE B 510 16.85 -4.51 -21.52
N GLU B 511 16.56 -5.30 -20.48
CA GLU B 511 16.97 -5.00 -19.12
C GLU B 511 18.31 -5.67 -18.87
N VAL B 512 19.32 -4.85 -18.54
CA VAL B 512 20.69 -5.33 -18.39
C VAL B 512 21.19 -4.97 -17.00
N LEU B 513 21.92 -5.92 -16.40
CA LEU B 513 22.66 -5.67 -15.17
C LEU B 513 24.15 -5.85 -15.48
N LEU B 514 24.94 -4.81 -15.18
CA LEU B 514 26.37 -4.82 -15.40
C LEU B 514 27.06 -5.03 -14.05
N ASP B 515 27.85 -6.11 -13.94
CA ASP B 515 28.62 -6.37 -12.74
C ASP B 515 29.82 -5.43 -12.73
N ASP B 516 29.74 -4.39 -11.89
CA ASP B 516 30.72 -3.31 -11.91
C ASP B 516 31.73 -3.51 -10.77
N ARG B 517 31.74 -4.69 -10.15
CA ARG B 517 32.50 -4.91 -8.93
C ARG B 517 33.99 -5.06 -9.27
N ASP B 518 34.83 -4.83 -8.26
CA ASP B 518 36.27 -4.69 -8.45
C ASP B 518 36.92 -6.07 -8.41
N LYS B 519 38.26 -6.08 -8.35
CA LYS B 519 39.06 -7.30 -8.48
C LYS B 519 38.91 -8.19 -7.24
N LYS B 520 38.49 -7.61 -6.11
CA LYS B 520 38.34 -8.35 -4.86
C LYS B 520 37.20 -9.36 -4.98
N THR B 521 36.24 -9.08 -5.87
CA THR B 521 35.22 -10.05 -6.22
C THR B 521 35.73 -10.87 -7.41
N SER B 522 36.01 -12.16 -7.18
CA SER B 522 36.53 -13.04 -8.21
C SER B 522 35.49 -13.25 -9.30
N PRO B 523 35.89 -13.63 -10.54
CA PRO B 523 34.93 -13.94 -11.59
C PRO B 523 34.02 -15.12 -11.26
N GLY B 524 34.52 -16.07 -10.47
CA GLY B 524 33.76 -17.23 -10.04
C GLY B 524 32.58 -16.82 -9.15
N VAL B 525 32.85 -15.96 -8.16
CA VAL B 525 31.83 -15.46 -7.27
C VAL B 525 30.78 -14.67 -8.07
N LYS B 526 31.25 -13.90 -9.07
CA LYS B 526 30.34 -13.11 -9.90
C LYS B 526 29.42 -14.01 -10.70
N PHE B 527 29.96 -15.12 -11.21
CA PHE B 527 29.19 -16.09 -11.99
C PHE B 527 28.14 -16.75 -11.10
N ALA B 528 28.53 -17.06 -9.85
CA ALA B 528 27.66 -17.73 -8.91
C ALA B 528 26.49 -16.83 -8.52
N ASP B 529 26.77 -15.53 -8.33
CA ASP B 529 25.78 -14.57 -7.89
C ASP B 529 24.74 -14.33 -8.98
N MET B 530 25.18 -14.23 -10.24
CA MET B 530 24.28 -13.96 -11.35
C MET B 530 23.31 -15.13 -11.53
N GLU B 531 23.78 -16.35 -11.23
CA GLU B 531 22.99 -17.55 -11.38
C GLU B 531 22.06 -17.71 -10.17
N LEU B 532 22.60 -17.46 -8.97
CA LEU B 532 21.82 -17.50 -7.75
C LEU B 532 20.59 -16.59 -7.88
N ILE B 533 20.82 -15.39 -8.42
CA ILE B 533 19.77 -14.39 -8.57
C ILE B 533 18.81 -14.82 -9.66
N GLY B 534 19.30 -15.61 -10.62
CA GLY B 534 18.46 -16.28 -11.61
C GLY B 534 18.35 -15.50 -12.91
N ILE B 535 19.42 -14.78 -13.28
CA ILE B 535 19.44 -14.05 -14.53
C ILE B 535 19.58 -15.07 -15.67
N PRO B 536 18.66 -15.07 -16.66
CA PRO B 536 18.62 -16.11 -17.69
C PRO B 536 19.78 -16.10 -18.70
N HIS B 537 20.42 -14.94 -18.90
CA HIS B 537 21.50 -14.85 -19.89
C HIS B 537 22.69 -14.08 -19.31
N ARG B 538 23.89 -14.58 -19.60
CA ARG B 538 25.13 -13.94 -19.18
C ARG B 538 25.99 -13.68 -20.42
N ILE B 539 26.70 -12.54 -20.41
CA ILE B 539 27.73 -12.23 -21.39
C ILE B 539 28.99 -11.83 -20.64
N VAL B 540 30.14 -12.33 -21.11
CA VAL B 540 31.41 -12.04 -20.47
C VAL B 540 32.29 -11.27 -21.46
N ILE B 541 32.93 -10.21 -20.97
CA ILE B 541 33.84 -9.41 -21.77
C ILE B 541 35.22 -9.47 -21.12
N SER B 542 36.26 -9.58 -21.96
CA SER B 542 37.64 -9.60 -21.50
C SER B 542 38.57 -9.15 -22.63
N ASP B 543 39.79 -8.72 -22.25
CA ASP B 543 40.78 -8.29 -23.23
C ASP B 543 41.08 -9.43 -24.20
N ARG B 544 41.28 -10.63 -23.65
CA ARG B 544 41.50 -11.82 -24.45
C ARG B 544 40.38 -11.98 -25.47
N GLY B 545 39.13 -11.77 -25.02
CA GLY B 545 37.96 -11.89 -25.88
C GLY B 545 37.88 -10.76 -26.91
N LEU B 546 38.10 -9.52 -26.46
CA LEU B 546 38.03 -8.35 -27.33
C LEU B 546 39.13 -8.39 -28.38
N SER B 547 40.30 -8.92 -28.01
CA SER B 547 41.43 -9.06 -28.92
C SER B 547 41.05 -9.88 -30.14
N GLU B 548 40.36 -11.02 -29.91
CA GLU B 548 39.96 -11.94 -30.97
C GLU B 548 38.59 -11.57 -31.51
N GLY B 549 37.97 -10.52 -30.95
CA GLY B 549 36.68 -10.02 -31.43
C GLY B 549 35.53 -10.98 -31.09
N VAL B 550 35.56 -11.52 -29.87
CA VAL B 550 34.58 -12.52 -29.44
C VAL B 550 34.06 -12.17 -28.06
N LEU B 551 32.79 -12.52 -27.82
CA LEU B 551 32.15 -12.40 -26.53
C LEU B 551 31.71 -13.78 -26.06
N GLU B 552 31.76 -14.00 -24.74
CA GLU B 552 31.41 -15.28 -24.15
C GLU B 552 29.98 -15.22 -23.63
N TYR B 553 29.13 -16.14 -24.11
CA TYR B 553 27.72 -16.18 -23.74
C TYR B 553 27.37 -17.55 -23.16
N LYS B 554 26.61 -17.55 -22.06
CA LYS B 554 26.05 -18.75 -21.48
C LYS B 554 24.60 -18.50 -21.07
N GLY B 555 23.73 -19.49 -21.32
CA GLY B 555 22.40 -19.50 -20.78
C GLY B 555 22.41 -19.92 -19.30
N ARG B 556 21.29 -19.67 -18.61
CA ARG B 556 21.20 -20.00 -17.19
C ARG B 556 21.13 -21.51 -17.01
N ARG B 557 20.41 -22.19 -17.92
CA ARG B 557 20.22 -23.62 -17.83
C ARG B 557 21.08 -24.34 -18.87
N ASP B 558 22.11 -23.66 -19.39
CA ASP B 558 23.05 -24.25 -20.32
C ASP B 558 24.18 -24.93 -19.54
N SER B 559 24.78 -25.96 -20.14
CA SER B 559 25.86 -26.71 -19.53
C SER B 559 27.18 -25.94 -19.64
N GLU B 560 27.50 -25.47 -20.86
CA GLU B 560 28.78 -24.84 -21.15
C GLU B 560 28.56 -23.51 -21.86
N SER B 561 29.52 -22.59 -21.66
CA SER B 561 29.52 -21.30 -22.35
C SER B 561 30.04 -21.47 -23.77
N GLN B 562 29.74 -20.49 -24.62
CA GLN B 562 30.16 -20.51 -26.02
C GLN B 562 30.60 -19.10 -26.43
N ASN B 563 31.41 -19.02 -27.49
CA ASN B 563 31.96 -17.75 -27.97
C ASN B 563 31.12 -17.26 -29.13
N LEU B 564 30.83 -15.94 -29.12
CA LEU B 564 30.02 -15.30 -30.16
C LEU B 564 30.82 -14.12 -30.73
N PRO B 565 30.79 -13.90 -32.06
CA PRO B 565 31.47 -12.75 -32.66
C PRO B 565 30.78 -11.43 -32.28
N ILE B 566 31.59 -10.42 -31.95
CA ILE B 566 31.13 -9.19 -31.34
C ILE B 566 30.00 -8.57 -32.16
N GLY B 567 30.07 -8.72 -33.49
CA GLY B 567 29.11 -8.10 -34.40
C GLY B 567 27.73 -8.76 -34.36
N GLU B 568 27.70 -10.09 -34.18
CA GLU B 568 26.49 -10.87 -34.39
C GLU B 568 25.75 -11.13 -33.08
N LEU B 569 26.18 -10.48 -31.99
CA LEU B 569 25.58 -10.68 -30.68
C LEU B 569 24.17 -10.10 -30.65
N MET B 570 24.03 -8.84 -31.06
CA MET B 570 22.77 -8.11 -30.99
C MET B 570 21.68 -8.88 -31.72
N SER B 571 22.05 -9.57 -32.81
CA SER B 571 21.12 -10.40 -33.57
C SER B 571 20.82 -11.69 -32.82
N PHE B 572 21.85 -12.26 -32.18
CA PHE B 572 21.75 -13.52 -31.45
C PHE B 572 20.92 -13.33 -30.18
N ILE B 573 21.23 -12.28 -29.42
CA ILE B 573 20.58 -12.00 -28.15
C ILE B 573 19.09 -11.70 -28.38
N THR B 574 18.79 -10.97 -29.46
CA THR B 574 17.42 -10.58 -29.77
C THR B 574 16.58 -11.82 -30.06
N GLU B 575 17.20 -12.86 -30.63
CA GLU B 575 16.52 -14.11 -30.93
C GLU B 575 16.12 -14.80 -29.61
N LYS B 576 17.10 -14.98 -28.72
CA LYS B 576 16.89 -15.60 -27.42
C LYS B 576 15.75 -14.90 -26.68
N LEU B 577 15.83 -13.56 -26.64
CA LEU B 577 14.80 -12.74 -26.03
C LEU B 577 13.82 -12.27 -27.13
N1 W2H C . -2.01 13.93 4.20
C7 W2H C . 2.06 14.35 3.47
C8 W2H C . 2.97 14.62 4.48
C9 W2H C . 2.48 14.77 5.79
C5 W2H C . 0.22 14.35 5.06
C6 W2H C . -1.21 14.18 5.25
N3 W2H C . -0.16 13.96 2.68
C4 W2H C . 0.68 14.22 3.73
C2 W2H C . -1.44 13.83 2.99
C10 W2H C . 1.15 14.63 6.08
N11 W2H C . -1.77 14.27 6.46
C12 W2H C . 4.42 14.75 4.19
C13 W2H C . 4.92 14.70 2.89
C14 W2H C . 6.28 14.84 2.64
C15 W2H C . 7.17 15.03 3.68
C16 W2H C . 6.67 15.11 4.98
C17 W2H C . 5.32 14.95 5.24
S18 W2H C . 7.75 15.51 6.30
O19 W2H C . 7.18 15.01 7.51
N20 W2H C . 9.12 14.68 6.03
O21 W2H C . 8.07 16.90 6.21
C22 W2H C . 9.27 13.32 6.16
C23 W2H C . 10.65 12.80 5.77
O24 W2H C . 8.39 12.55 6.54
C25 W2H C . 10.79 12.74 4.23
C26 W2H C . 11.14 11.29 3.93
C27 W2H C . 10.68 10.52 5.14
N28 W2H C . 10.88 11.44 6.27
MG MG D . 16.82 26.66 22.55
C1 EDO E . -7.06 2.75 -23.74
O1 EDO E . -5.66 2.97 -23.65
C2 EDO E . -7.82 3.99 -24.03
O2 EDO E . -8.70 3.93 -25.15
C1 EDO F . -2.64 33.70 37.59
O1 EDO F . -2.72 34.52 38.74
C2 EDO F . -3.69 32.64 37.52
O2 EDO F . -3.49 31.58 38.44
C1 EDO G . 1.01 18.88 5.96
O1 EDO G . 2.27 18.53 6.53
C2 EDO G . -0.12 18.03 6.43
O2 EDO G . -0.64 18.42 7.69
N1 W2H H . 0.83 -14.47 3.45
C7 W2H H . -2.42 -14.69 0.85
C8 W2H H . -3.70 -14.96 1.30
C9 W2H H . -3.89 -15.16 2.68
C5 W2H H . -1.55 -14.80 3.13
C6 W2H H . -0.38 -14.72 3.98
N3 W2H H . -0.08 -14.35 1.24
C4 W2H H . -1.33 -14.60 1.75
C2 W2H H . 0.90 -14.31 2.12
C10 W2H H . -2.87 -15.08 3.56
N11 W2H H . -0.46 -14.92 5.30
C12 W2H H . -4.85 -15.02 0.36
C13 W2H H . -4.69 -14.81 -1.01
C14 W2H H . -5.76 -14.89 -1.88
C15 W2H H . -7.03 -15.17 -1.40
C16 W2H H . -7.21 -15.38 -0.04
C17 W2H H . -6.14 -15.29 0.83
S18 W2H H . -8.79 -15.80 0.58
O19 W2H H . -8.84 -15.44 1.97
N20 W2H H . -9.87 -14.86 -0.21
O21 W2H H . -9.08 -17.15 0.19
C22 W2H H . -10.13 -13.55 0.08
C23 W2H H . -11.27 -12.91 -0.72
O24 W2H H . -9.51 -12.92 0.91
C25 W2H H . -10.93 -12.88 -2.23
C26 W2H H . -10.38 -11.50 -2.47
C27 W2H H . -11.16 -10.64 -1.50
N28 W2H H . -11.48 -11.50 -0.34
MG MG I . -24.05 -28.48 8.78
MG MG J . -12.36 -46.78 25.17
C1 EDO K . 8.96 -11.53 17.23
O1 EDO K . 8.93 -12.94 17.09
C2 EDO K . 9.16 -10.79 15.95
O2 EDO K . 8.04 -10.00 15.55
C1 EDO L . 12.34 -11.86 18.33
O1 EDO L . 11.75 -10.65 18.74
C2 EDO L . 12.16 -12.16 16.87
O2 EDO L . 12.54 -11.11 16.01
C1 EDO M . 3.56 -23.17 1.60
O1 EDO M . 4.89 -23.57 1.90
C2 EDO M . 2.99 -23.90 0.44
O2 EDO M . 1.57 -23.94 0.39
#